data_6YQC
#
_entry.id   6YQC
#
_cell.length_a   64.766
_cell.length_b   98.993
_cell.length_c   75.450
_cell.angle_alpha   90.000
_cell.angle_beta   103.600
_cell.angle_gamma   90.000
#
_symmetry.space_group_name_H-M   'P 1 21 1'
#
loop_
_entity.id
_entity.type
_entity.pdbx_description
1 polymer Alpha-amylase
2 non-polymer 1,2-ETHANEDIOL
3 non-polymer 2-acetamido-2-deoxy-beta-D-glucopyranose
4 non-polymer (1~{R},2~{S},4~{R},5~{S},6~{R})-6-[(2~{S},3~{R},4~{R},5~{S},6~{R})-5-heptoxy-6-(hydroxymethyl)-3,4-bis(oxidanyl)oxan-2-yl]oxy-5-(hydroxymethyl)cyclohexane-1,2,4-triol
5 non-polymer 'CALCIUM ION'
6 water water
#
_entity_poly.entity_id   1
_entity_poly.type   'polypeptide(L)'
_entity_poly.pdbx_seq_one_letter_code
;MMVAWWSLFLYGLQVAAPALAATPADWRSQSIYFLLTDRFARTDGSTTATCNTADQKYCGGTWQGIIDKLDYIQGMGFTA
IWITPVTAQLPQTTAYGDAYHGYWQQDIYSLNENYGTADDLKALSSALHERGMYLMVDVVANHMGYDGAGSSVDYSVFKP
FSSQDYFHPFCFIQNYEDQTQVEDCWLGDNTVSLPDLDTTKDVVKNEWYDWVGSLVSNYSIDGLRIDTVKHVQKDFWPGY
NKAAGVYCIGEVLDGDPAYTCPYQNVMDGVLNYPIYYPLLNAFKSTSGSMDDLYNMINTVKSDCPDSTLLGTFVENHDNP
RFASYTNDIALAKNVAAFIILNDGIPIIYAGQEQHYAGGNDPANREATWLSGYPTDSELYKLIASANAIRNYAISKDTGF
VTYKNWPIYKDDTTIAMRKGTDGSQIVTILSNKGASGDSYTLSLSGAGYTAGQQLTEVIGCTTVTVGSDGNVPVPMAGGL
PRVLYPTEKLAGSKICSSS
;
_entity_poly.pdbx_strand_id   AAA,BBB
#
# COMPACT_ATOMS: atom_id res chain seq x y z
N ALA A 22 -4.74 -10.29 -8.37
CA ALA A 22 -4.99 -8.89 -8.82
C ALA A 22 -4.65 -7.93 -7.69
N THR A 23 -4.17 -6.76 -8.02
CA THR A 23 -3.63 -5.80 -7.02
C THR A 23 -4.73 -4.99 -6.35
N PRO A 24 -4.43 -4.33 -5.23
CA PRO A 24 -5.38 -3.38 -4.64
C PRO A 24 -5.94 -2.40 -5.68
N ALA A 25 -5.06 -1.82 -6.50
CA ALA A 25 -5.49 -0.85 -7.53
C ALA A 25 -6.47 -1.56 -8.49
N ASP A 26 -6.19 -2.83 -8.88
CA ASP A 26 -7.12 -3.62 -9.73
C ASP A 26 -8.49 -3.77 -9.05
N TRP A 27 -8.51 -3.94 -7.73
CA TRP A 27 -9.73 -4.30 -6.99
C TRP A 27 -10.62 -3.08 -6.73
N ARG A 28 -10.10 -1.84 -6.83
CA ARG A 28 -10.92 -0.64 -6.52
C ARG A 28 -12.19 -0.64 -7.37
N SER A 29 -12.11 -1.09 -8.62
CA SER A 29 -13.23 -0.99 -9.59
C SER A 29 -14.24 -2.14 -9.39
N GLN A 30 -13.97 -3.10 -8.48
CA GLN A 30 -14.72 -4.37 -8.43
C GLN A 30 -15.99 -4.16 -7.60
N SER A 31 -16.95 -5.07 -7.80
CA SER A 31 -18.18 -5.20 -7.01
C SER A 31 -18.37 -6.69 -6.71
N ILE A 32 -18.48 -7.04 -5.44
CA ILE A 32 -18.45 -8.45 -4.96
C ILE A 32 -19.84 -8.96 -4.54
N TYR A 33 -20.17 -10.13 -5.04
CA TYR A 33 -21.25 -11.01 -4.51
C TYR A 33 -20.59 -12.04 -3.63
N PHE A 34 -20.88 -11.91 -2.34
CA PHE A 34 -20.41 -12.82 -1.27
C PHE A 34 -21.43 -13.96 -1.07
N LEU A 35 -20.99 -15.20 -1.17
CA LEU A 35 -21.87 -16.37 -1.04
C LEU A 35 -21.26 -17.42 -0.13
N LEU A 36 -22.13 -18.22 0.49
CA LEU A 36 -21.69 -19.41 1.23
C LEU A 36 -21.70 -20.55 0.21
N THR A 37 -20.58 -21.17 -0.04
CA THR A 37 -20.50 -22.24 -1.04
C THR A 37 -21.58 -23.27 -0.74
N ASP A 38 -21.77 -23.69 0.49
CA ASP A 38 -22.74 -24.79 0.79
C ASP A 38 -24.20 -24.34 0.53
N ARG A 39 -24.44 -23.04 0.42
CA ARG A 39 -25.83 -22.48 0.41
C ARG A 39 -26.20 -21.79 -0.87
N PHE A 40 -25.30 -21.61 -1.84
CA PHE A 40 -25.64 -20.80 -3.04
C PHE A 40 -26.31 -21.66 -4.12
N ALA A 41 -25.65 -22.72 -4.55
CA ALA A 41 -26.08 -23.52 -5.72
C ALA A 41 -25.53 -24.94 -5.67
N ARG A 42 -26.44 -25.91 -5.86
CA ARG A 42 -26.13 -27.35 -5.89
C ARG A 42 -25.68 -27.72 -7.30
N THR A 43 -24.94 -28.82 -7.41
CA THR A 43 -24.54 -29.33 -8.74
C THR A 43 -25.80 -29.64 -9.57
N ASP A 44 -26.84 -30.19 -8.95
CA ASP A 44 -28.07 -30.60 -9.68
C ASP A 44 -28.96 -29.40 -10.01
N GLY A 45 -28.68 -28.21 -9.45
CA GLY A 45 -29.46 -27.01 -9.81
C GLY A 45 -30.84 -27.00 -9.19
N SER A 46 -31.12 -27.90 -8.24
CA SER A 46 -32.42 -27.94 -7.54
C SER A 46 -32.73 -26.56 -6.90
N THR A 47 -33.97 -26.11 -7.03
CA THR A 47 -34.51 -24.91 -6.34
C THR A 47 -35.44 -25.30 -5.20
N THR A 48 -35.57 -26.59 -4.91
CA THR A 48 -36.47 -27.10 -3.85
C THR A 48 -35.73 -27.96 -2.81
N ALA A 49 -34.49 -28.35 -3.04
CA ALA A 49 -33.74 -29.20 -2.10
C ALA A 49 -33.77 -28.58 -0.71
N THR A 50 -34.18 -29.37 0.26
CA THR A 50 -34.34 -28.98 1.67
C THR A 50 -33.07 -28.28 2.16
N CYS A 51 -33.25 -27.13 2.76
CA CYS A 51 -32.14 -26.49 3.52
C CYS A 51 -32.79 -25.75 4.71
N ASN A 52 -32.94 -26.50 5.79
N ASN A 52 -32.97 -26.50 5.79
CA ASN A 52 -33.46 -25.96 7.07
CA ASN A 52 -33.49 -25.94 7.07
C ASN A 52 -32.26 -25.36 7.81
C ASN A 52 -32.28 -25.36 7.81
N THR A 53 -32.18 -24.03 7.87
CA THR A 53 -31.01 -23.38 8.51
C THR A 53 -30.89 -23.83 9.96
N ALA A 54 -31.99 -24.11 10.64
CA ALA A 54 -31.90 -24.54 12.06
C ALA A 54 -31.16 -25.88 12.20
N ASP A 55 -31.13 -26.73 11.17
CA ASP A 55 -30.44 -28.05 11.22
C ASP A 55 -28.92 -27.84 11.25
N GLN A 56 -28.41 -26.74 10.66
CA GLN A 56 -26.95 -26.40 10.68
C GLN A 56 -26.15 -27.50 9.98
N LYS A 57 -26.70 -28.14 8.96
CA LYS A 57 -26.07 -29.24 8.23
C LYS A 57 -25.70 -28.80 6.83
N TYR A 58 -24.74 -29.49 6.24
CA TYR A 58 -24.48 -29.34 4.79
C TYR A 58 -25.80 -29.45 4.05
N CYS A 59 -26.05 -28.49 3.18
CA CYS A 59 -27.24 -28.47 2.29
C CYS A 59 -26.87 -28.88 0.87
N GLY A 60 -25.57 -28.90 0.53
CA GLY A 60 -25.02 -29.52 -0.69
C GLY A 60 -24.66 -28.53 -1.78
N GLY A 61 -24.49 -27.25 -1.47
CA GLY A 61 -23.94 -26.29 -2.42
C GLY A 61 -22.52 -26.63 -2.84
N THR A 62 -22.16 -26.33 -4.07
CA THR A 62 -20.84 -26.76 -4.61
C THR A 62 -20.22 -25.68 -5.49
N TRP A 63 -18.93 -25.86 -5.81
CA TRP A 63 -18.23 -24.95 -6.74
C TRP A 63 -18.85 -25.06 -8.14
N GLN A 64 -19.26 -26.27 -8.55
N GLN A 64 -19.27 -26.26 -8.56
CA GLN A 64 -19.85 -26.47 -9.90
CA GLN A 64 -19.89 -26.43 -9.90
C GLN A 64 -21.22 -25.75 -9.93
C GLN A 64 -21.22 -25.68 -9.92
N GLY A 65 -21.96 -25.76 -8.82
CA GLY A 65 -23.22 -24.99 -8.70
C GLY A 65 -23.01 -23.51 -8.97
N ILE A 66 -21.97 -22.92 -8.38
CA ILE A 66 -21.64 -21.49 -8.61
C ILE A 66 -21.43 -21.26 -10.11
N ILE A 67 -20.62 -22.11 -10.74
CA ILE A 67 -20.31 -21.96 -12.19
C ILE A 67 -21.65 -21.88 -12.95
N ASP A 68 -22.55 -22.82 -12.63
CA ASP A 68 -23.85 -22.99 -13.32
C ASP A 68 -24.63 -21.68 -13.20
N LYS A 69 -24.45 -20.91 -12.12
CA LYS A 69 -25.31 -19.74 -11.82
C LYS A 69 -24.53 -18.43 -11.98
N LEU A 70 -23.42 -18.44 -12.73
CA LEU A 70 -22.67 -17.19 -12.97
C LEU A 70 -23.50 -16.20 -13.78
N ASP A 71 -24.36 -16.63 -14.70
CA ASP A 71 -25.22 -15.66 -15.42
C ASP A 71 -26.10 -14.84 -14.46
N TYR A 72 -26.69 -15.50 -13.46
CA TYR A 72 -27.51 -14.84 -12.40
C TYR A 72 -26.69 -13.79 -11.66
N ILE A 73 -25.46 -14.12 -11.28
CA ILE A 73 -24.61 -13.15 -10.53
C ILE A 73 -24.20 -11.98 -11.44
N GLN A 74 -23.67 -12.30 -12.63
CA GLN A 74 -23.13 -11.28 -13.56
C GLN A 74 -24.30 -10.40 -14.02
N GLY A 75 -25.51 -10.95 -14.06
CA GLY A 75 -26.74 -10.21 -14.43
C GLY A 75 -27.02 -9.05 -13.50
N MET A 76 -26.53 -9.12 -12.25
CA MET A 76 -26.71 -8.02 -11.31
C MET A 76 -25.55 -7.00 -11.41
N GLY A 77 -24.59 -7.26 -12.29
CA GLY A 77 -23.49 -6.32 -12.60
C GLY A 77 -22.29 -6.52 -11.67
N PHE A 78 -22.29 -7.56 -10.88
CA PHE A 78 -21.08 -7.90 -10.07
C PHE A 78 -19.95 -8.28 -11.01
N THR A 79 -18.74 -7.96 -10.57
CA THR A 79 -17.48 -8.27 -11.29
C THR A 79 -16.65 -9.30 -10.55
N ALA A 80 -17.09 -9.75 -9.37
CA ALA A 80 -16.29 -10.64 -8.52
C ALA A 80 -17.24 -11.41 -7.58
N ILE A 81 -16.77 -12.54 -7.10
CA ILE A 81 -17.44 -13.27 -5.99
C ILE A 81 -16.42 -13.46 -4.89
N TRP A 82 -16.95 -13.53 -3.68
CA TRP A 82 -16.22 -13.98 -2.47
C TRP A 82 -16.90 -15.28 -2.00
N ILE A 83 -16.13 -16.35 -1.97
CA ILE A 83 -16.60 -17.68 -1.52
C ILE A 83 -16.01 -18.00 -0.16
N THR A 84 -16.76 -18.76 0.62
CA THR A 84 -16.35 -19.16 1.97
C THR A 84 -15.17 -20.12 1.89
N PRO A 85 -14.46 -20.38 3.00
CA PRO A 85 -13.20 -21.07 2.90
C PRO A 85 -13.26 -22.48 2.26
N VAL A 86 -12.10 -22.89 1.73
CA VAL A 86 -12.02 -24.07 0.85
C VAL A 86 -11.33 -25.23 1.55
N THR A 87 -10.68 -25.01 2.68
CA THR A 87 -9.87 -26.05 3.36
C THR A 87 -10.75 -27.14 3.99
N ALA A 88 -10.18 -28.35 4.10
CA ALA A 88 -10.84 -29.50 4.74
C ALA A 88 -11.11 -29.16 6.20
N GLN A 89 -12.29 -29.56 6.68
CA GLN A 89 -12.87 -29.16 7.95
C GLN A 89 -12.91 -30.35 8.91
N LEU A 90 -13.20 -30.08 10.16
CA LEU A 90 -13.62 -31.14 11.10
C LEU A 90 -14.78 -31.89 10.45
N PRO A 91 -14.80 -33.24 10.60
CA PRO A 91 -15.78 -34.09 9.92
C PRO A 91 -17.13 -34.21 10.65
N GLN A 92 -17.17 -33.82 11.93
CA GLN A 92 -18.32 -34.13 12.81
C GLN A 92 -19.51 -33.25 12.50
N THR A 93 -20.70 -33.76 12.73
CA THR A 93 -21.88 -32.92 13.05
C THR A 93 -21.76 -32.58 14.51
N THR A 94 -21.34 -31.34 14.82
CA THR A 94 -21.11 -30.87 16.21
C THR A 94 -22.47 -30.49 16.77
N ALA A 95 -22.52 -30.09 18.02
CA ALA A 95 -23.79 -29.55 18.61
C ALA A 95 -24.18 -28.24 17.91
N TYR A 96 -23.25 -27.60 17.20
CA TYR A 96 -23.50 -26.39 16.38
C TYR A 96 -23.63 -26.75 14.90
N GLY A 97 -23.73 -28.04 14.61
CA GLY A 97 -23.92 -28.49 13.22
C GLY A 97 -22.61 -28.83 12.53
N ASP A 98 -22.69 -28.98 11.22
CA ASP A 98 -21.55 -29.34 10.33
C ASP A 98 -20.69 -28.09 10.10
N ALA A 99 -19.50 -28.27 9.58
CA ALA A 99 -18.58 -27.19 9.16
C ALA A 99 -19.00 -26.68 7.78
N TYR A 100 -20.29 -26.47 7.54
CA TYR A 100 -20.80 -26.13 6.19
C TYR A 100 -20.27 -24.75 5.76
N HIS A 101 -19.96 -23.91 6.75
CA HIS A 101 -19.52 -22.52 6.55
C HIS A 101 -18.02 -22.43 6.26
N GLY A 102 -17.21 -23.48 6.56
CA GLY A 102 -15.78 -23.44 6.21
C GLY A 102 -14.85 -22.89 7.29
N TYR A 103 -15.33 -22.46 8.47
CA TYR A 103 -14.46 -21.74 9.45
C TYR A 103 -13.87 -22.65 10.51
N TRP A 104 -13.97 -23.97 10.37
CA TRP A 104 -13.48 -24.97 11.35
C TRP A 104 -12.48 -25.89 10.65
N GLN A 105 -11.41 -25.33 10.11
CA GLN A 105 -10.47 -26.13 9.28
C GLN A 105 -9.64 -27.08 10.13
N GLN A 106 -9.25 -28.20 9.54
CA GLN A 106 -8.27 -29.12 10.20
C GLN A 106 -7.10 -29.42 9.27
N ASP A 107 -7.31 -29.56 7.97
CA ASP A 107 -6.20 -29.95 7.06
C ASP A 107 -6.12 -28.92 5.94
N ILE A 108 -5.19 -27.99 6.04
CA ILE A 108 -5.14 -26.85 5.08
C ILE A 108 -4.61 -27.28 3.70
N TYR A 109 -4.05 -28.49 3.60
CA TYR A 109 -3.52 -29.02 2.32
C TYR A 109 -4.51 -29.97 1.65
N SER A 110 -5.73 -30.07 2.19
CA SER A 110 -6.85 -30.75 1.49
C SER A 110 -8.00 -29.76 1.35
N LEU A 111 -8.76 -29.91 0.29
CA LEU A 111 -10.04 -29.20 0.10
C LEU A 111 -11.20 -29.92 0.82
N ASN A 112 -12.21 -29.12 1.15
CA ASN A 112 -13.51 -29.61 1.66
C ASN A 112 -14.23 -30.31 0.50
N GLU A 113 -14.21 -31.65 0.54
CA GLU A 113 -14.76 -32.51 -0.54
C GLU A 113 -16.26 -32.28 -0.71
N ASN A 114 -16.95 -31.68 0.26
CA ASN A 114 -18.40 -31.35 0.10
C ASN A 114 -18.61 -30.47 -1.11
N TYR A 115 -17.67 -29.60 -1.46
CA TYR A 115 -17.87 -28.56 -2.48
C TYR A 115 -17.39 -29.02 -3.85
N GLY A 116 -16.61 -30.08 -3.87
CA GLY A 116 -16.04 -30.60 -5.12
C GLY A 116 -14.56 -30.94 -4.95
N THR A 117 -13.84 -31.02 -6.05
CA THR A 117 -12.41 -31.42 -6.07
C THR A 117 -11.58 -30.20 -6.48
N ALA A 118 -10.27 -30.30 -6.40
CA ALA A 118 -9.35 -29.24 -6.87
C ALA A 118 -9.69 -28.83 -8.31
N ASP A 119 -10.06 -29.79 -9.18
CA ASP A 119 -10.39 -29.46 -10.58
C ASP A 119 -11.64 -28.57 -10.65
N ASP A 120 -12.60 -28.77 -9.76
CA ASP A 120 -13.83 -27.93 -9.69
C ASP A 120 -13.45 -26.51 -9.24
N LEU A 121 -12.58 -26.38 -8.24
CA LEU A 121 -12.19 -25.03 -7.75
C LEU A 121 -11.43 -24.29 -8.85
N LYS A 122 -10.58 -25.00 -9.61
CA LYS A 122 -9.86 -24.41 -10.75
C LYS A 122 -10.84 -24.05 -11.86
N ALA A 123 -11.86 -24.88 -12.08
CA ALA A 123 -12.88 -24.63 -13.13
C ALA A 123 -13.65 -23.34 -12.77
N LEU A 124 -13.91 -23.15 -11.48
CA LEU A 124 -14.64 -21.95 -11.00
C LEU A 124 -13.80 -20.70 -11.30
N SER A 125 -12.54 -20.76 -10.91
CA SER A 125 -11.56 -19.68 -11.17
C SER A 125 -11.55 -19.37 -12.67
N SER A 126 -11.33 -20.40 -13.47
CA SER A 126 -11.29 -20.26 -14.94
C SER A 126 -12.62 -19.68 -15.46
N ALA A 127 -13.76 -20.18 -14.99
CA ALA A 127 -15.09 -19.73 -15.47
C ALA A 127 -15.27 -18.24 -15.19
N LEU A 128 -14.88 -17.80 -14.00
CA LEU A 128 -14.93 -16.35 -13.69
C LEU A 128 -14.02 -15.56 -14.64
N HIS A 129 -12.79 -16.02 -14.83
CA HIS A 129 -11.77 -15.29 -15.62
C HIS A 129 -12.27 -15.19 -17.05
N GLU A 130 -12.94 -16.22 -17.52
CA GLU A 130 -13.43 -16.27 -18.91
C GLU A 130 -14.49 -15.15 -19.07
N ARG A 131 -15.21 -14.77 -18.00
CA ARG A 131 -16.23 -13.70 -18.03
C ARG A 131 -15.64 -12.36 -17.55
N GLY A 132 -14.32 -12.28 -17.35
CA GLY A 132 -13.66 -11.03 -16.91
C GLY A 132 -13.96 -10.73 -15.44
N MET A 133 -14.27 -11.76 -14.69
CA MET A 133 -14.63 -11.58 -13.26
C MET A 133 -13.46 -12.06 -12.41
N TYR A 134 -13.47 -11.73 -11.13
CA TYR A 134 -12.45 -12.15 -10.17
C TYR A 134 -13.04 -13.14 -9.16
N LEU A 135 -12.20 -14.02 -8.67
CA LEU A 135 -12.44 -14.93 -7.52
C LEU A 135 -11.73 -14.41 -6.28
N MET A 136 -12.50 -14.12 -5.23
CA MET A 136 -11.95 -13.91 -3.88
C MET A 136 -12.26 -15.13 -3.03
N VAL A 137 -11.25 -15.61 -2.28
CA VAL A 137 -11.41 -16.77 -1.40
C VAL A 137 -11.21 -16.30 0.04
N ASP A 138 -12.10 -16.78 0.89
CA ASP A 138 -12.08 -16.54 2.35
C ASP A 138 -11.04 -17.46 2.99
N VAL A 139 -10.22 -16.92 3.87
CA VAL A 139 -9.15 -17.70 4.53
C VAL A 139 -9.12 -17.32 5.99
N VAL A 140 -8.72 -18.29 6.81
CA VAL A 140 -8.53 -18.08 8.28
C VAL A 140 -7.09 -18.46 8.57
N ALA A 141 -6.34 -17.59 9.24
CA ALA A 141 -5.03 -17.95 9.81
C ALA A 141 -5.10 -18.10 11.31
N ASN A 142 -6.10 -17.53 11.96
CA ASN A 142 -6.14 -17.46 13.42
C ASN A 142 -6.31 -18.85 14.06
N HIS A 143 -7.09 -19.72 13.48
CA HIS A 143 -7.53 -20.92 14.22
C HIS A 143 -7.84 -22.08 13.30
N MET A 144 -7.77 -23.26 13.93
CA MET A 144 -8.36 -24.52 13.43
C MET A 144 -9.71 -24.72 14.13
N GLY A 145 -10.43 -25.80 13.79
CA GLY A 145 -11.67 -26.17 14.48
C GLY A 145 -11.57 -27.55 15.08
N TYR A 146 -12.29 -27.78 16.17
CA TYR A 146 -12.30 -29.11 16.83
C TYR A 146 -13.62 -29.29 17.54
N ASP A 147 -14.19 -30.49 17.37
CA ASP A 147 -15.49 -30.85 17.98
C ASP A 147 -15.23 -31.24 19.43
N GLY A 148 -15.68 -30.41 20.35
CA GLY A 148 -15.56 -30.66 21.80
C GLY A 148 -14.58 -29.74 22.50
N ALA A 149 -14.33 -30.06 23.77
CA ALA A 149 -13.65 -29.18 24.73
C ALA A 149 -12.20 -28.94 24.29
N GLY A 150 -11.71 -27.77 24.60
CA GLY A 150 -10.33 -27.40 24.23
C GLY A 150 -9.31 -28.30 24.92
N SER A 151 -9.66 -28.80 26.11
CA SER A 151 -8.78 -29.71 26.89
C SER A 151 -8.78 -31.12 26.28
N SER A 152 -9.65 -31.40 25.31
CA SER A 152 -9.81 -32.74 24.69
C SER A 152 -9.07 -32.77 23.34
N VAL A 153 -8.50 -31.65 22.88
CA VAL A 153 -7.99 -31.59 21.49
C VAL A 153 -6.84 -32.59 21.32
N ASP A 154 -6.95 -33.43 20.29
CA ASP A 154 -5.87 -34.28 19.74
C ASP A 154 -5.26 -33.52 18.56
N TYR A 155 -4.08 -32.94 18.78
CA TYR A 155 -3.46 -32.03 17.79
C TYR A 155 -3.00 -32.79 16.55
N SER A 156 -2.92 -34.13 16.58
CA SER A 156 -2.52 -34.93 15.40
C SER A 156 -3.55 -34.81 14.28
N VAL A 157 -4.76 -34.27 14.55
CA VAL A 157 -5.77 -34.18 13.45
C VAL A 157 -5.44 -32.96 12.57
N PHE A 158 -4.63 -32.02 13.05
CA PHE A 158 -4.30 -30.79 12.27
C PHE A 158 -3.14 -31.04 11.32
N LYS A 159 -3.24 -30.53 10.12
CA LYS A 159 -2.17 -30.64 9.09
C LYS A 159 -1.99 -29.26 8.46
N PRO A 160 -0.78 -28.67 8.43
CA PRO A 160 0.47 -29.30 8.92
C PRO A 160 0.77 -29.15 10.41
N PHE A 161 -0.09 -28.48 11.16
CA PHE A 161 0.16 -28.05 12.56
C PHE A 161 -0.21 -29.17 13.54
N SER A 162 0.43 -30.32 13.38
CA SER A 162 0.05 -31.60 14.00
C SER A 162 0.70 -31.76 15.37
N SER A 163 0.77 -30.69 16.14
CA SER A 163 1.40 -30.65 17.47
C SER A 163 0.85 -29.47 18.27
N GLN A 164 0.65 -29.64 19.58
CA GLN A 164 0.26 -28.55 20.50
C GLN A 164 1.34 -27.43 20.47
N ASP A 165 2.55 -27.75 20.01
CA ASP A 165 3.66 -26.75 20.02
C ASP A 165 3.31 -25.59 19.10
N TYR A 166 2.44 -25.81 18.11
CA TYR A 166 2.09 -24.75 17.14
C TYR A 166 1.03 -23.81 17.70
N PHE A 167 0.51 -24.07 18.89
CA PHE A 167 -0.72 -23.41 19.39
C PHE A 167 -0.42 -22.67 20.65
N HIS A 168 -1.17 -21.59 20.84
CA HIS A 168 -1.20 -20.84 22.10
C HIS A 168 -1.74 -21.77 23.17
N PRO A 169 -1.25 -21.65 24.41
CA PRO A 169 -1.87 -22.33 25.55
C PRO A 169 -3.38 -22.07 25.62
N PHE A 170 -4.15 -23.09 25.98
CA PHE A 170 -5.63 -23.03 26.02
C PHE A 170 -6.08 -22.04 27.10
N CYS A 171 -6.85 -21.04 26.69
CA CYS A 171 -7.54 -20.03 27.52
C CYS A 171 -8.63 -19.44 26.64
N PHE A 172 -9.65 -18.87 27.25
CA PHE A 172 -10.73 -18.11 26.55
C PHE A 172 -10.51 -16.61 26.75
N ILE A 173 -11.00 -15.80 25.82
CA ILE A 173 -10.98 -14.32 26.03
C ILE A 173 -11.94 -13.98 27.18
N GLN A 174 -11.43 -13.44 28.27
CA GLN A 174 -12.19 -12.96 29.44
C GLN A 174 -12.48 -11.46 29.30
N ASN A 175 -11.53 -10.72 28.73
CA ASN A 175 -11.51 -9.25 28.71
C ASN A 175 -11.26 -8.82 27.27
N TYR A 176 -12.30 -8.44 26.53
CA TYR A 176 -12.17 -8.05 25.11
C TYR A 176 -11.44 -6.69 25.00
N GLU A 177 -11.24 -5.98 26.12
CA GLU A 177 -10.42 -4.72 26.14
C GLU A 177 -8.93 -5.04 26.33
N ASP A 178 -8.53 -6.29 26.54
CA ASP A 178 -7.11 -6.69 26.64
C ASP A 178 -6.72 -7.28 25.29
N GLN A 179 -6.04 -6.49 24.46
CA GLN A 179 -5.73 -6.96 23.10
C GLN A 179 -4.80 -8.19 23.12
N THR A 180 -3.93 -8.36 24.12
CA THR A 180 -3.10 -9.59 24.26
C THR A 180 -4.01 -10.81 24.38
N GLN A 181 -5.08 -10.74 25.18
CA GLN A 181 -6.03 -11.86 25.33
C GLN A 181 -6.76 -12.08 24.01
N VAL A 182 -7.18 -10.98 23.36
CA VAL A 182 -7.91 -11.06 22.05
C VAL A 182 -7.05 -11.85 21.08
N GLU A 183 -5.74 -11.66 21.08
CA GLU A 183 -4.82 -12.33 20.12
C GLU A 183 -4.39 -13.73 20.57
N ASP A 184 -4.12 -13.88 21.87
CA ASP A 184 -3.41 -15.07 22.39
C ASP A 184 -4.35 -16.14 22.95
N CYS A 185 -5.58 -15.79 23.25
CA CYS A 185 -6.53 -16.83 23.73
C CYS A 185 -7.39 -17.35 22.59
N TRP A 186 -8.14 -18.39 22.90
CA TRP A 186 -8.93 -19.14 21.89
C TRP A 186 -10.31 -18.51 21.76
N LEU A 187 -10.80 -18.45 20.51
CA LEU A 187 -12.21 -18.17 20.20
C LEU A 187 -13.02 -19.45 20.50
N GLY A 188 -14.33 -19.38 20.29
CA GLY A 188 -15.22 -20.55 20.42
C GLY A 188 -15.46 -20.89 21.88
N ASP A 189 -15.69 -22.18 22.16
CA ASP A 189 -16.13 -22.58 23.53
C ASP A 189 -15.77 -24.05 23.72
N ASN A 190 -16.33 -24.70 24.74
CA ASN A 190 -16.03 -26.13 24.97
C ASN A 190 -17.03 -27.05 24.25
N THR A 191 -17.89 -26.48 23.42
CA THR A 191 -18.77 -27.24 22.50
C THR A 191 -18.06 -27.43 21.16
N VAL A 192 -17.63 -26.32 20.56
CA VAL A 192 -16.74 -26.35 19.38
C VAL A 192 -15.57 -25.44 19.71
N SER A 193 -14.41 -26.03 19.94
CA SER A 193 -13.20 -25.25 20.29
C SER A 193 -12.48 -24.84 19.01
N LEU A 194 -11.76 -23.72 19.11
CA LEU A 194 -11.07 -23.10 17.93
C LEU A 194 -9.61 -22.89 18.25
N PRO A 195 -8.82 -24.00 18.20
CA PRO A 195 -7.42 -23.94 18.64
C PRO A 195 -6.69 -22.79 17.96
N ASP A 196 -6.03 -21.99 18.78
CA ASP A 196 -5.46 -20.67 18.38
C ASP A 196 -3.99 -20.85 18.03
N LEU A 197 -3.66 -20.72 16.75
CA LEU A 197 -2.27 -20.87 16.27
C LEU A 197 -1.40 -19.79 16.93
N ASP A 198 -0.19 -20.18 17.36
CA ASP A 198 0.77 -19.19 17.89
C ASP A 198 1.44 -18.47 16.72
N THR A 199 0.77 -17.44 16.22
CA THR A 199 1.20 -16.73 15.01
C THR A 199 2.39 -15.80 15.30
N THR A 200 2.95 -15.84 16.52
CA THR A 200 4.24 -15.18 16.84
C THR A 200 5.43 -16.08 16.54
N LYS A 201 5.23 -17.36 16.23
CA LYS A 201 6.34 -18.31 15.94
C LYS A 201 6.76 -18.20 14.49
N ASP A 202 8.05 -18.15 14.22
CA ASP A 202 8.54 -18.10 12.81
C ASP A 202 8.02 -19.33 12.05
N VAL A 203 7.92 -20.49 12.72
CA VAL A 203 7.50 -21.75 12.04
C VAL A 203 6.04 -21.60 11.59
N VAL A 204 5.21 -20.97 12.40
CA VAL A 204 3.79 -20.77 12.05
C VAL A 204 3.70 -19.69 10.96
N LYS A 205 4.44 -18.58 11.07
CA LYS A 205 4.47 -17.60 9.97
C LYS A 205 4.91 -18.25 8.67
N ASN A 206 6.04 -18.98 8.66
CA ASN A 206 6.56 -19.51 7.38
C ASN A 206 5.55 -20.51 6.82
N GLU A 207 4.97 -21.38 7.66
N GLU A 207 4.92 -21.35 7.64
CA GLU A 207 3.95 -22.36 7.20
CA GLU A 207 3.97 -22.35 7.07
C GLU A 207 2.83 -21.57 6.50
C GLU A 207 2.73 -21.63 6.51
N TRP A 208 2.23 -20.62 7.20
CA TRP A 208 1.05 -19.90 6.67
C TRP A 208 1.44 -19.13 5.38
N TYR A 209 2.60 -18.49 5.37
CA TYR A 209 3.03 -17.68 4.20
C TYR A 209 3.23 -18.56 2.97
N ASP A 210 3.94 -19.68 3.15
CA ASP A 210 4.13 -20.66 2.05
C ASP A 210 2.77 -21.14 1.57
N TRP A 211 1.90 -21.48 2.51
CA TRP A 211 0.54 -21.99 2.19
C TRP A 211 -0.25 -20.97 1.35
N VAL A 212 -0.36 -19.73 1.81
CA VAL A 212 -1.26 -18.77 1.12
C VAL A 212 -0.71 -18.43 -0.28
N GLY A 213 0.61 -18.27 -0.44
CA GLY A 213 1.19 -18.07 -1.78
C GLY A 213 0.85 -19.22 -2.70
N SER A 214 0.99 -20.44 -2.22
CA SER A 214 0.75 -21.67 -3.02
C SER A 214 -0.76 -21.86 -3.27
N LEU A 215 -1.63 -21.52 -2.32
CA LEU A 215 -3.11 -21.52 -2.58
C LEU A 215 -3.44 -20.59 -3.74
N VAL A 216 -3.00 -19.35 -3.63
CA VAL A 216 -3.31 -18.33 -4.66
C VAL A 216 -2.81 -18.78 -6.02
N SER A 217 -1.58 -19.30 -6.07
CA SER A 217 -0.97 -19.73 -7.35
C SER A 217 -1.75 -20.92 -7.90
N ASN A 218 -2.07 -21.91 -7.07
CA ASN A 218 -2.63 -23.19 -7.58
C ASN A 218 -4.02 -22.95 -8.18
N TYR A 219 -4.79 -22.05 -7.56
CA TYR A 219 -6.19 -21.85 -7.95
C TYR A 219 -6.40 -20.56 -8.72
N SER A 220 -5.34 -19.85 -9.07
CA SER A 220 -5.41 -18.55 -9.78
C SER A 220 -6.42 -17.62 -9.08
N ILE A 221 -6.26 -17.49 -7.78
CA ILE A 221 -7.15 -16.62 -6.96
C ILE A 221 -6.74 -15.16 -7.15
N ASP A 222 -7.74 -14.27 -7.26
CA ASP A 222 -7.50 -12.83 -7.56
C ASP A 222 -7.40 -11.98 -6.30
N GLY A 223 -8.00 -12.41 -5.20
CA GLY A 223 -8.03 -11.66 -3.94
C GLY A 223 -8.39 -12.58 -2.81
N LEU A 224 -8.12 -12.15 -1.58
CA LEU A 224 -8.50 -12.88 -0.37
C LEU A 224 -9.40 -12.02 0.53
N ARG A 225 -10.36 -12.67 1.15
CA ARG A 225 -10.98 -12.12 2.37
C ARG A 225 -10.32 -12.87 3.52
N ILE A 226 -9.61 -12.13 4.38
CA ILE A 226 -8.95 -12.72 5.56
C ILE A 226 -9.88 -12.54 6.75
N ASP A 227 -10.42 -13.63 7.27
CA ASP A 227 -11.29 -13.52 8.44
C ASP A 227 -10.42 -13.35 9.69
N THR A 228 -11.03 -12.87 10.75
CA THR A 228 -10.48 -13.10 12.11
C THR A 228 -9.21 -12.27 12.30
N VAL A 229 -9.07 -11.13 11.65
CA VAL A 229 -7.77 -10.38 11.62
C VAL A 229 -7.44 -9.82 12.98
N LYS A 230 -8.41 -9.36 13.76
CA LYS A 230 -8.05 -8.69 15.05
C LYS A 230 -7.52 -9.69 16.07
N HIS A 231 -7.72 -11.00 15.84
CA HIS A 231 -7.30 -12.04 16.80
C HIS A 231 -5.89 -12.53 16.49
N VAL A 232 -5.15 -11.90 15.55
CA VAL A 232 -3.76 -12.26 15.18
C VAL A 232 -2.93 -10.97 15.29
N GLN A 233 -1.78 -11.02 15.97
CA GLN A 233 -1.00 -9.78 16.20
C GLN A 233 -0.70 -9.13 14.85
N LYS A 234 -0.62 -7.80 14.85
CA LYS A 234 -0.47 -7.02 13.60
C LYS A 234 0.78 -7.43 12.82
N ASP A 235 1.92 -7.76 13.44
CA ASP A 235 3.17 -8.02 12.69
C ASP A 235 3.10 -9.31 11.88
N PHE A 236 2.05 -10.13 12.06
CA PHE A 236 1.82 -11.30 11.20
C PHE A 236 1.40 -10.88 9.80
N TRP A 237 0.63 -9.80 9.71
CA TRP A 237 -0.19 -9.59 8.49
C TRP A 237 0.62 -9.15 7.29
N PRO A 238 1.58 -8.20 7.37
CA PRO A 238 2.25 -7.75 6.16
C PRO A 238 2.90 -8.92 5.38
N GLY A 239 3.58 -9.81 6.08
CA GLY A 239 4.21 -10.96 5.38
C GLY A 239 3.19 -11.92 4.76
N TYR A 240 2.00 -12.04 5.40
CA TYR A 240 0.91 -12.87 4.83
C TYR A 240 0.36 -12.21 3.57
N ASN A 241 0.03 -10.91 3.64
CA ASN A 241 -0.49 -10.15 2.47
C ASN A 241 0.54 -10.19 1.33
N LYS A 242 1.83 -10.01 1.61
CA LYS A 242 2.90 -10.08 0.58
C LYS A 242 3.01 -11.50 0.02
N ALA A 243 2.95 -12.52 0.87
CA ALA A 243 3.03 -13.94 0.41
C ALA A 243 1.85 -14.25 -0.50
N ALA A 244 0.65 -13.74 -0.17
CA ALA A 244 -0.53 -13.97 -1.04
C ALA A 244 -0.34 -13.35 -2.43
N GLY A 245 0.26 -12.18 -2.50
CA GLY A 245 0.57 -11.47 -3.76
C GLY A 245 -0.63 -10.97 -4.48
N VAL A 246 -1.71 -10.79 -3.75
CA VAL A 246 -2.99 -10.24 -4.25
C VAL A 246 -3.55 -9.33 -3.17
N TYR A 247 -4.53 -8.53 -3.54
CA TYR A 247 -5.34 -7.74 -2.62
C TYR A 247 -5.97 -8.63 -1.55
N CYS A 248 -5.77 -8.22 -0.31
CA CYS A 248 -6.33 -8.89 0.85
C CYS A 248 -7.22 -7.89 1.61
N ILE A 249 -8.42 -8.31 1.92
CA ILE A 249 -9.36 -7.49 2.71
C ILE A 249 -9.67 -8.23 4.00
N GLY A 250 -9.38 -7.58 5.11
CA GLY A 250 -9.46 -8.19 6.43
C GLY A 250 -10.78 -7.94 7.15
N GLU A 251 -11.25 -8.94 7.89
CA GLU A 251 -12.36 -8.80 8.83
C GLU A 251 -11.78 -8.35 10.17
N VAL A 252 -12.08 -7.11 10.53
CA VAL A 252 -11.69 -6.56 11.85
C VAL A 252 -13.02 -6.17 12.47
N LEU A 253 -13.57 -7.04 13.34
CA LEU A 253 -14.99 -6.90 13.74
C LEU A 253 -15.06 -5.88 14.86
N ASP A 254 -15.09 -4.61 14.49
CA ASP A 254 -15.14 -3.50 15.45
C ASP A 254 -15.68 -2.27 14.71
N GLY A 255 -16.70 -1.64 15.27
CA GLY A 255 -17.32 -0.45 14.67
C GLY A 255 -16.50 0.83 14.88
N ASP A 256 -15.51 0.80 15.77
CA ASP A 256 -14.69 2.02 16.04
C ASP A 256 -13.60 2.18 14.97
N PRO A 257 -13.67 3.20 14.10
CA PRO A 257 -12.59 3.44 13.13
C PRO A 257 -11.21 3.58 13.78
N ALA A 258 -11.12 4.05 15.02
CA ALA A 258 -9.84 4.19 15.74
C ALA A 258 -9.22 2.83 16.06
N TYR A 259 -10.04 1.77 16.20
CA TYR A 259 -9.56 0.38 16.37
C TYR A 259 -9.32 -0.29 15.02
N THR A 260 -10.27 -0.13 14.11
CA THR A 260 -10.35 -0.93 12.86
C THR A 260 -9.45 -0.37 11.75
N CYS A 261 -9.46 0.95 11.57
N CYS A 261 -9.41 0.93 11.55
CA CYS A 261 -8.71 1.64 10.49
CA CYS A 261 -8.69 1.46 10.37
C CYS A 261 -7.22 1.34 10.54
C CYS A 261 -7.17 1.36 10.52
N PRO A 262 -6.56 1.35 11.72
CA PRO A 262 -5.13 1.07 11.78
C PRO A 262 -4.70 -0.24 11.10
N TYR A 263 -5.62 -1.23 11.03
CA TYR A 263 -5.28 -2.51 10.36
C TYR A 263 -5.05 -2.32 8.87
N GLN A 264 -5.53 -1.23 8.30
CA GLN A 264 -5.26 -1.01 6.87
C GLN A 264 -3.80 -0.51 6.65
N ASN A 265 -3.00 -0.34 7.70
CA ASN A 265 -1.57 -0.08 7.57
C ASN A 265 -0.79 -1.40 7.56
N VAL A 266 -1.45 -2.53 7.83
CA VAL A 266 -0.77 -3.85 7.80
C VAL A 266 -1.41 -4.82 6.80
N MET A 267 -2.49 -4.43 6.15
CA MET A 267 -3.14 -5.23 5.13
C MET A 267 -3.79 -4.25 4.18
N ASP A 268 -4.04 -4.63 2.94
CA ASP A 268 -4.48 -3.70 1.87
C ASP A 268 -5.82 -3.03 2.20
N GLY A 269 -6.79 -3.85 2.62
CA GLY A 269 -8.12 -3.33 2.94
C GLY A 269 -8.68 -4.01 4.17
N VAL A 270 -9.73 -3.41 4.72
CA VAL A 270 -10.55 -4.08 5.76
C VAL A 270 -12.00 -3.90 5.37
N LEU A 271 -12.82 -4.79 5.89
CA LEU A 271 -14.27 -4.66 5.75
C LEU A 271 -14.72 -3.42 6.52
N ASN A 272 -15.66 -2.70 5.98
CA ASN A 272 -16.10 -1.42 6.57
C ASN A 272 -17.12 -1.64 7.68
N TYR A 273 -16.68 -2.24 8.79
CA TYR A 273 -17.51 -2.34 10.01
C TYR A 273 -17.78 -0.97 10.64
N PRO A 274 -16.87 0.06 10.53
CA PRO A 274 -17.24 1.40 11.00
C PRO A 274 -18.50 1.94 10.30
N ILE A 275 -18.61 1.84 8.98
CA ILE A 275 -19.82 2.31 8.27
C ILE A 275 -21.00 1.37 8.55
N TYR A 276 -20.76 0.08 8.74
CA TYR A 276 -21.84 -0.91 8.88
C TYR A 276 -22.89 -0.43 9.88
N TYR A 277 -22.47 -0.12 11.12
CA TYR A 277 -23.46 0.14 12.20
C TYR A 277 -24.33 1.35 11.87
N PRO A 278 -23.77 2.54 11.55
CA PRO A 278 -24.64 3.69 11.28
C PRO A 278 -25.39 3.53 9.95
N LEU A 279 -24.86 2.75 9.03
CA LEU A 279 -25.56 2.51 7.74
C LEU A 279 -26.81 1.68 8.00
N LEU A 280 -26.67 0.60 8.75
CA LEU A 280 -27.80 -0.25 9.17
C LEU A 280 -28.80 0.62 9.95
N ASN A 281 -28.32 1.34 10.94
CA ASN A 281 -29.21 2.16 11.80
C ASN A 281 -29.94 3.22 10.97
N ALA A 282 -29.30 3.81 9.96
CA ALA A 282 -29.93 4.90 9.18
C ALA A 282 -31.13 4.36 8.41
N PHE A 283 -31.01 3.18 7.80
CA PHE A 283 -32.01 2.70 6.83
C PHE A 283 -32.93 1.60 7.43
N LYS A 284 -32.66 1.06 8.60
CA LYS A 284 -33.51 -0.08 9.08
C LYS A 284 -34.84 0.43 9.66
N SER A 285 -34.98 1.72 9.82
CA SER A 285 -36.10 2.36 10.53
C SER A 285 -36.38 3.71 9.88
N THR A 286 -37.64 4.12 9.83
CA THR A 286 -38.00 5.48 9.35
C THR A 286 -37.49 6.53 10.34
N SER A 287 -37.09 6.15 11.55
CA SER A 287 -36.46 7.03 12.56
C SER A 287 -34.92 6.95 12.61
N GLY A 288 -34.27 6.27 11.66
CA GLY A 288 -32.80 6.10 11.67
C GLY A 288 -32.03 7.41 11.52
N SER A 289 -30.88 7.51 12.17
CA SER A 289 -30.01 8.72 12.19
C SER A 289 -29.25 8.92 10.87
N MET A 290 -29.64 9.89 10.06
CA MET A 290 -28.84 10.30 8.88
C MET A 290 -27.56 11.02 9.35
N ASP A 291 -27.62 11.70 10.49
CA ASP A 291 -26.43 12.39 11.05
C ASP A 291 -25.31 11.37 11.30
N ASP A 292 -25.62 10.25 11.96
CA ASP A 292 -24.54 9.31 12.36
C ASP A 292 -23.88 8.75 11.10
N LEU A 293 -24.64 8.51 10.03
CA LEU A 293 -24.09 7.97 8.76
C LEU A 293 -23.23 9.04 8.08
N TYR A 294 -23.77 10.26 7.94
CA TYR A 294 -23.06 11.40 7.31
C TYR A 294 -21.72 11.60 8.02
N ASN A 295 -21.72 11.62 9.33
CA ASN A 295 -20.51 11.86 10.15
C ASN A 295 -19.53 10.68 9.99
N MET A 296 -20.01 9.43 9.99
CA MET A 296 -19.07 8.30 9.81
C MET A 296 -18.49 8.29 8.39
N ILE A 297 -19.23 8.68 7.37
CA ILE A 297 -18.69 8.77 6.00
C ILE A 297 -17.48 9.73 6.02
N ASN A 298 -17.66 10.85 6.69
CA ASN A 298 -16.59 11.89 6.73
C ASN A 298 -15.45 11.42 7.61
N THR A 299 -15.73 10.74 8.71
CA THR A 299 -14.69 10.21 9.61
C THR A 299 -13.87 9.16 8.84
N VAL A 300 -14.51 8.24 8.13
CA VAL A 300 -13.73 7.18 7.44
C VAL A 300 -12.93 7.81 6.30
N LYS A 301 -13.56 8.72 5.55
CA LYS A 301 -12.92 9.35 4.37
C LYS A 301 -11.63 10.03 4.80
N SER A 302 -11.67 10.74 5.93
N SER A 302 -11.66 10.75 5.92
CA SER A 302 -10.55 11.59 6.43
CA SER A 302 -10.53 11.58 6.41
C SER A 302 -9.53 10.73 7.19
C SER A 302 -9.52 10.70 7.16
N ASP A 303 -10.00 9.74 7.96
CA ASP A 303 -9.17 9.13 9.04
C ASP A 303 -8.62 7.77 8.58
N CYS A 304 -9.42 6.92 7.92
N CYS A 304 -9.38 7.00 7.82
CA CYS A 304 -8.98 5.56 7.50
CA CYS A 304 -8.95 5.63 7.49
C CYS A 304 -7.87 5.73 6.48
C CYS A 304 -7.91 5.68 6.39
N PRO A 305 -6.86 4.82 6.46
CA PRO A 305 -5.78 4.91 5.49
C PRO A 305 -6.25 5.09 4.05
N ASP A 306 -7.22 4.33 3.60
CA ASP A 306 -7.76 4.51 2.22
C ASP A 306 -9.18 3.93 2.16
N SER A 307 -10.17 4.83 2.27
CA SER A 307 -11.61 4.50 2.16
C SER A 307 -11.93 3.81 0.82
N THR A 308 -11.17 4.04 -0.25
CA THR A 308 -11.48 3.43 -1.56
C THR A 308 -11.03 1.97 -1.61
N LEU A 309 -10.35 1.47 -0.56
CA LEU A 309 -9.90 0.05 -0.49
C LEU A 309 -10.61 -0.69 0.66
N LEU A 310 -11.67 -0.10 1.20
CA LEU A 310 -12.55 -0.81 2.19
C LEU A 310 -13.69 -1.47 1.46
N GLY A 311 -14.32 -2.44 2.15
CA GLY A 311 -15.46 -3.19 1.62
C GLY A 311 -16.74 -2.73 2.26
N THR A 312 -17.67 -2.20 1.49
CA THR A 312 -18.94 -1.68 2.01
C THR A 312 -19.98 -2.79 2.06
N PHE A 313 -20.67 -2.93 3.17
CA PHE A 313 -21.72 -3.96 3.30
C PHE A 313 -22.76 -3.53 4.32
N VAL A 314 -23.91 -4.20 4.27
CA VAL A 314 -24.89 -4.08 5.38
C VAL A 314 -25.38 -5.44 5.83
N GLU A 315 -24.90 -6.50 5.18
CA GLU A 315 -25.48 -7.82 5.39
C GLU A 315 -24.37 -8.85 5.20
N ASN A 316 -24.34 -9.81 6.13
CA ASN A 316 -23.42 -10.96 6.04
C ASN A 316 -23.99 -12.11 6.89
N HIS A 317 -23.19 -13.14 7.01
CA HIS A 317 -23.57 -14.42 7.67
C HIS A 317 -23.28 -14.33 9.18
N ASP A 318 -22.79 -13.18 9.66
CA ASP A 318 -22.37 -13.02 11.08
C ASP A 318 -23.26 -11.99 11.79
N ASN A 319 -24.26 -11.44 11.14
CA ASN A 319 -25.20 -10.46 11.72
C ASN A 319 -26.59 -10.73 11.17
N PRO A 320 -27.68 -10.28 11.83
CA PRO A 320 -29.00 -10.44 11.25
C PRO A 320 -29.09 -9.72 9.89
N ARG A 321 -29.79 -10.31 8.96
CA ARG A 321 -29.97 -9.69 7.65
C ARG A 321 -30.74 -8.38 7.75
N PHE A 322 -30.51 -7.48 6.80
CA PHE A 322 -31.21 -6.17 6.83
C PHE A 322 -32.73 -6.39 6.99
N ALA A 323 -33.34 -7.27 6.20
CA ALA A 323 -34.80 -7.46 6.17
C ALA A 323 -35.28 -8.15 7.45
N SER A 324 -34.38 -8.69 8.28
CA SER A 324 -34.75 -9.18 9.63
C SER A 324 -35.14 -8.00 10.55
N TYR A 325 -34.62 -6.80 10.29
CA TYR A 325 -34.94 -5.58 11.05
C TYR A 325 -36.20 -4.92 10.47
N THR A 326 -36.33 -4.88 9.16
CA THR A 326 -37.50 -4.27 8.49
C THR A 326 -37.72 -4.98 7.15
N ASN A 327 -38.98 -5.29 6.82
CA ASN A 327 -39.39 -5.81 5.50
C ASN A 327 -39.75 -4.70 4.51
N ASP A 328 -39.54 -3.45 4.88
CA ASP A 328 -39.83 -2.33 3.94
C ASP A 328 -38.88 -2.43 2.74
N ILE A 329 -39.42 -2.63 1.55
CA ILE A 329 -38.61 -2.86 0.33
C ILE A 329 -37.91 -1.55 -0.05
N ALA A 330 -38.51 -0.41 0.18
CA ALA A 330 -37.86 0.86 -0.21
C ALA A 330 -36.64 1.05 0.68
N LEU A 331 -36.74 0.73 1.97
CA LEU A 331 -35.57 0.88 2.84
C LEU A 331 -34.47 -0.05 2.32
N ALA A 332 -34.81 -1.27 1.93
CA ALA A 332 -33.78 -2.23 1.42
C ALA A 332 -33.16 -1.68 0.12
N LYS A 333 -33.97 -1.06 -0.76
CA LYS A 333 -33.46 -0.50 -2.04
C LYS A 333 -32.45 0.61 -1.73
N ASN A 334 -32.73 1.48 -0.77
CA ASN A 334 -31.81 2.59 -0.44
C ASN A 334 -30.51 2.00 0.09
N VAL A 335 -30.58 1.02 0.99
CA VAL A 335 -29.33 0.58 1.67
C VAL A 335 -28.50 -0.15 0.62
N ALA A 336 -29.11 -0.82 -0.35
CA ALA A 336 -28.37 -1.54 -1.41
C ALA A 336 -27.70 -0.48 -2.30
N ALA A 337 -28.44 0.57 -2.64
CA ALA A 337 -27.90 1.66 -3.49
C ALA A 337 -26.68 2.27 -2.80
N PHE A 338 -26.73 2.49 -1.50
CA PHE A 338 -25.59 3.07 -0.74
C PHE A 338 -24.37 2.14 -0.89
N ILE A 339 -24.58 0.86 -0.66
CA ILE A 339 -23.46 -0.14 -0.70
C ILE A 339 -22.77 -0.05 -2.08
N ILE A 340 -23.54 0.02 -3.17
CA ILE A 340 -22.96 0.04 -4.53
C ILE A 340 -22.23 1.38 -4.74
N LEU A 341 -22.73 2.50 -4.23
CA LEU A 341 -22.23 3.83 -4.68
C LEU A 341 -21.27 4.47 -3.69
N ASN A 342 -21.04 3.84 -2.54
CA ASN A 342 -20.08 4.34 -1.54
C ASN A 342 -18.64 4.12 -2.05
N ASP A 343 -17.71 4.84 -1.42
CA ASP A 343 -16.27 4.54 -1.60
C ASP A 343 -16.01 3.04 -1.40
N GLY A 344 -15.07 2.52 -2.17
CA GLY A 344 -14.56 1.18 -1.94
C GLY A 344 -15.35 0.16 -2.69
N ILE A 345 -15.27 -1.09 -2.22
CA ILE A 345 -15.76 -2.26 -2.99
C ILE A 345 -17.12 -2.61 -2.44
N PRO A 346 -18.20 -2.51 -3.23
CA PRO A 346 -19.50 -2.98 -2.78
C PRO A 346 -19.44 -4.48 -2.48
N ILE A 347 -20.13 -4.92 -1.42
CA ILE A 347 -20.24 -6.36 -1.12
C ILE A 347 -21.68 -6.65 -0.73
N ILE A 348 -22.38 -7.41 -1.57
CA ILE A 348 -23.77 -7.87 -1.36
C ILE A 348 -23.69 -9.37 -1.00
N TYR A 349 -24.40 -9.77 0.05
CA TYR A 349 -24.46 -11.14 0.54
C TYR A 349 -25.64 -11.88 -0.07
N ALA A 350 -25.32 -12.94 -0.80
CA ALA A 350 -26.27 -13.89 -1.46
C ALA A 350 -27.52 -14.06 -0.61
N GLY A 351 -28.65 -13.67 -1.18
CA GLY A 351 -29.97 -13.66 -0.53
C GLY A 351 -30.47 -12.24 -0.31
N GLN A 352 -29.56 -11.26 -0.12
CA GLN A 352 -29.94 -9.85 0.08
C GLN A 352 -30.77 -9.39 -1.11
N GLU A 353 -30.41 -9.83 -2.31
CA GLU A 353 -31.10 -9.44 -3.55
C GLU A 353 -32.48 -10.11 -3.66
N GLN A 354 -32.75 -11.11 -2.85
CA GLN A 354 -34.08 -11.76 -2.82
C GLN A 354 -34.78 -11.39 -1.51
N HIS A 355 -34.27 -10.37 -0.81
CA HIS A 355 -34.95 -9.77 0.36
C HIS A 355 -35.04 -10.80 1.49
N TYR A 356 -34.04 -11.67 1.61
CA TYR A 356 -34.01 -12.66 2.71
C TYR A 356 -33.97 -11.92 4.06
N ALA A 357 -34.65 -12.51 5.04
CA ALA A 357 -34.91 -11.86 6.34
C ALA A 357 -34.46 -12.68 7.54
N GLY A 358 -33.56 -13.62 7.38
CA GLY A 358 -33.05 -14.40 8.52
C GLY A 358 -32.32 -13.52 9.52
N GLY A 359 -32.51 -13.86 10.79
CA GLY A 359 -31.80 -13.19 11.89
C GLY A 359 -30.45 -13.79 12.14
N ASN A 360 -30.05 -13.83 13.41
CA ASN A 360 -28.68 -14.28 13.69
C ASN A 360 -28.49 -15.75 13.35
N ASP A 361 -27.24 -16.04 13.08
CA ASP A 361 -26.71 -17.40 12.84
C ASP A 361 -27.46 -18.41 13.69
N PRO A 362 -28.07 -19.47 13.14
CA PRO A 362 -27.91 -19.89 11.74
C PRO A 362 -28.96 -19.39 10.74
N ALA A 363 -29.84 -18.48 11.15
CA ALA A 363 -31.02 -18.10 10.35
C ALA A 363 -30.60 -17.32 9.10
N ASN A 364 -29.43 -16.70 9.14
CA ASN A 364 -28.90 -15.85 8.05
C ASN A 364 -28.04 -16.66 7.08
N ARG A 365 -28.09 -17.98 7.12
CA ARG A 365 -27.35 -18.84 6.16
C ARG A 365 -28.36 -19.55 5.26
N GLU A 366 -29.41 -18.86 4.85
CA GLU A 366 -30.45 -19.43 3.97
C GLU A 366 -29.83 -19.82 2.61
N ALA A 367 -30.35 -20.88 2.03
CA ALA A 367 -29.99 -21.33 0.67
C ALA A 367 -30.56 -20.40 -0.38
N THR A 368 -29.70 -19.86 -1.25
CA THR A 368 -30.12 -18.94 -2.31
C THR A 368 -31.03 -19.67 -3.31
N TRP A 369 -30.81 -20.96 -3.50
CA TRP A 369 -31.57 -21.70 -4.55
C TRP A 369 -33.07 -21.74 -4.19
N LEU A 370 -33.44 -21.68 -2.91
CA LEU A 370 -34.88 -21.79 -2.52
C LEU A 370 -35.66 -20.58 -3.04
N SER A 371 -35.00 -19.49 -3.43
CA SER A 371 -35.67 -18.30 -4.00
C SER A 371 -36.16 -18.61 -5.42
N GLY A 372 -35.51 -19.58 -6.08
CA GLY A 372 -35.66 -19.86 -7.52
C GLY A 372 -34.90 -18.86 -8.39
N TYR A 373 -34.00 -18.10 -7.79
CA TYR A 373 -33.12 -17.14 -8.50
C TYR A 373 -33.89 -16.24 -9.47
N PRO A 374 -35.00 -15.59 -9.09
CA PRO A 374 -35.67 -14.70 -10.03
C PRO A 374 -34.79 -13.48 -10.38
N THR A 375 -34.68 -13.17 -11.65
CA THR A 375 -33.91 -11.99 -12.10
C THR A 375 -34.83 -10.77 -12.24
N ASP A 376 -36.08 -10.87 -11.82
CA ASP A 376 -37.03 -9.73 -11.88
C ASP A 376 -37.52 -9.35 -10.50
N SER A 377 -36.86 -9.82 -9.44
CA SER A 377 -37.17 -9.35 -8.09
C SER A 377 -36.78 -7.89 -7.92
N GLU A 378 -37.43 -7.20 -6.98
CA GLU A 378 -37.25 -5.74 -6.74
C GLU A 378 -35.77 -5.43 -6.52
N LEU A 379 -35.10 -6.20 -5.67
CA LEU A 379 -33.71 -5.87 -5.31
C LEU A 379 -32.72 -6.39 -6.35
N TYR A 380 -33.05 -7.44 -7.08
CA TYR A 380 -32.21 -7.86 -8.23
C TYR A 380 -32.12 -6.70 -9.24
N LYS A 381 -33.28 -6.13 -9.56
CA LYS A 381 -33.34 -5.03 -10.54
C LYS A 381 -32.66 -3.77 -9.99
N LEU A 382 -32.81 -3.44 -8.69
CA LEU A 382 -32.22 -2.22 -8.11
C LEU A 382 -30.70 -2.40 -8.16
N ILE A 383 -30.21 -3.58 -7.75
CA ILE A 383 -28.74 -3.84 -7.72
C ILE A 383 -28.21 -3.78 -9.16
N ALA A 384 -28.90 -4.40 -10.10
CA ALA A 384 -28.49 -4.38 -11.52
C ALA A 384 -28.38 -2.93 -11.98
N SER A 385 -29.34 -2.08 -11.65
CA SER A 385 -29.31 -0.66 -12.10
C SER A 385 -28.14 0.09 -11.45
N ALA A 386 -27.90 -0.11 -10.15
CA ALA A 386 -26.87 0.63 -9.41
C ALA A 386 -25.48 0.16 -9.89
N ASN A 387 -25.29 -1.15 -10.05
CA ASN A 387 -24.01 -1.70 -10.55
C ASN A 387 -23.83 -1.21 -12.00
N ALA A 388 -24.92 -1.11 -12.76
CA ALA A 388 -24.76 -0.72 -14.18
C ALA A 388 -24.15 0.69 -14.24
N ILE A 389 -24.65 1.65 -13.45
CA ILE A 389 -24.17 3.05 -13.55
C ILE A 389 -22.76 3.13 -12.94
N ARG A 390 -22.46 2.36 -11.89
CA ARG A 390 -21.10 2.36 -11.31
C ARG A 390 -20.10 1.82 -12.34
N ASN A 391 -20.42 0.71 -12.97
CA ASN A 391 -19.54 0.02 -13.95
C ASN A 391 -19.38 0.96 -15.14
N TYR A 392 -20.45 1.60 -15.56
CA TYR A 392 -20.38 2.49 -16.74
C TYR A 392 -19.53 3.71 -16.37
N ALA A 393 -19.83 4.37 -15.27
CA ALA A 393 -19.11 5.58 -14.82
C ALA A 393 -17.61 5.31 -14.68
N ILE A 394 -17.23 4.17 -14.09
CA ILE A 394 -15.79 3.78 -13.96
C ILE A 394 -15.15 3.62 -15.34
N SER A 395 -15.88 3.08 -16.33
CA SER A 395 -15.32 2.79 -17.67
C SER A 395 -15.02 4.12 -18.37
N LYS A 396 -15.64 5.24 -17.94
CA LYS A 396 -15.53 6.55 -18.64
C LYS A 396 -14.72 7.51 -17.79
N ASP A 397 -14.44 7.18 -16.53
CA ASP A 397 -13.83 8.14 -15.59
C ASP A 397 -12.79 7.40 -14.75
N THR A 398 -11.51 7.57 -15.08
CA THR A 398 -10.44 6.83 -14.37
C THR A 398 -10.32 7.42 -12.95
N GLY A 399 -10.98 8.53 -12.63
CA GLY A 399 -10.95 9.14 -11.29
C GLY A 399 -12.10 8.70 -10.37
N PHE A 400 -13.10 7.98 -10.89
CA PHE A 400 -14.30 7.62 -10.08
C PHE A 400 -13.82 6.91 -8.79
N VAL A 401 -12.98 5.89 -8.93
CA VAL A 401 -12.65 5.01 -7.77
C VAL A 401 -11.77 5.74 -6.79
N THR A 402 -11.00 6.75 -7.17
CA THR A 402 -10.13 7.45 -6.21
C THR A 402 -10.76 8.77 -5.73
N TYR A 403 -11.89 9.20 -6.29
CA TYR A 403 -12.62 10.37 -5.78
C TYR A 403 -13.33 9.95 -4.50
N LYS A 404 -12.97 10.49 -3.37
CA LYS A 404 -13.57 10.04 -2.08
C LYS A 404 -14.99 10.63 -2.00
N ASN A 405 -15.97 9.74 -1.89
CA ASN A 405 -17.39 10.04 -1.71
C ASN A 405 -17.58 11.16 -0.71
N TRP A 406 -18.40 12.13 -1.11
CA TRP A 406 -18.58 13.43 -0.44
C TRP A 406 -20.06 13.55 -0.07
N PRO A 407 -20.45 13.46 1.22
CA PRO A 407 -21.84 13.71 1.61
C PRO A 407 -22.14 15.22 1.50
N ILE A 408 -23.15 15.58 0.70
CA ILE A 408 -23.37 17.02 0.32
C ILE A 408 -24.61 17.54 1.04
N TYR A 409 -25.44 16.65 1.61
CA TYR A 409 -26.74 17.09 2.16
C TYR A 409 -27.23 16.03 3.13
N LYS A 410 -27.81 16.45 4.25
CA LYS A 410 -28.66 15.54 5.04
C LYS A 410 -29.84 16.34 5.62
N ASP A 411 -30.95 15.65 5.86
CA ASP A 411 -32.01 16.13 6.79
C ASP A 411 -32.46 14.91 7.61
N ASP A 412 -33.60 15.00 8.29
CA ASP A 412 -34.06 13.90 9.18
C ASP A 412 -34.28 12.59 8.40
N THR A 413 -34.59 12.65 7.11
CA THR A 413 -34.99 11.43 6.34
C THR A 413 -34.15 11.22 5.09
N THR A 414 -33.10 12.02 4.86
CA THR A 414 -32.40 12.09 3.57
C THR A 414 -30.88 12.22 3.78
N ILE A 415 -30.14 11.56 2.92
CA ILE A 415 -28.69 11.85 2.72
C ILE A 415 -28.41 11.86 1.25
N ALA A 416 -27.60 12.82 0.81
CA ALA A 416 -27.19 12.91 -0.60
C ALA A 416 -25.65 12.98 -0.62
N MET A 417 -25.10 12.32 -1.63
CA MET A 417 -23.64 12.12 -1.74
C MET A 417 -23.22 12.24 -3.20
N ARG A 418 -21.97 12.63 -3.37
N ARG A 418 -21.94 12.54 -3.36
CA ARG A 418 -21.40 12.86 -4.71
CA ARG A 418 -21.33 12.98 -4.64
C ARG A 418 -20.08 12.13 -4.81
C ARG A 418 -20.04 12.17 -4.82
N LYS A 419 -19.91 11.49 -5.95
CA LYS A 419 -18.68 10.73 -6.28
C LYS A 419 -18.37 10.77 -7.76
N GLY A 420 -17.13 11.18 -8.09
CA GLY A 420 -16.67 11.16 -9.49
C GLY A 420 -16.14 12.53 -9.89
N THR A 421 -15.31 12.51 -10.93
CA THR A 421 -14.66 13.73 -11.49
C THR A 421 -15.76 14.72 -11.91
N ASP A 422 -15.62 15.99 -11.49
CA ASP A 422 -16.43 17.15 -11.94
C ASP A 422 -16.79 16.99 -13.41
N GLY A 423 -18.08 17.11 -13.72
CA GLY A 423 -18.62 16.89 -15.07
C GLY A 423 -19.12 15.50 -15.28
N SER A 424 -18.70 14.55 -14.42
CA SER A 424 -18.97 13.10 -14.61
C SER A 424 -19.48 12.46 -13.31
N GLN A 425 -19.81 13.27 -12.31
CA GLN A 425 -20.14 12.79 -10.94
C GLN A 425 -21.52 12.10 -10.92
N ILE A 426 -21.58 11.00 -10.18
CA ILE A 426 -22.86 10.39 -9.73
C ILE A 426 -23.29 11.12 -8.47
N VAL A 427 -24.53 11.58 -8.44
CA VAL A 427 -25.12 12.23 -7.25
C VAL A 427 -26.31 11.38 -6.82
N THR A 428 -26.18 10.83 -5.61
CA THR A 428 -27.11 9.82 -5.08
C THR A 428 -27.86 10.47 -3.94
N ILE A 429 -29.20 10.35 -3.99
CA ILE A 429 -30.10 10.83 -2.92
C ILE A 429 -30.86 9.63 -2.35
N LEU A 430 -30.61 9.39 -1.09
CA LEU A 430 -31.20 8.26 -0.34
C LEU A 430 -32.16 8.80 0.70
N SER A 431 -33.15 7.97 1.02
CA SER A 431 -34.24 8.34 1.97
C SER A 431 -34.54 7.17 2.92
N ASN A 432 -34.93 7.47 4.15
CA ASN A 432 -35.46 6.43 5.08
C ASN A 432 -36.95 6.69 5.33
N LYS A 433 -37.66 7.35 4.41
CA LYS A 433 -39.12 7.52 4.61
C LYS A 433 -39.84 6.18 4.44
N GLY A 434 -39.28 5.24 3.66
CA GLY A 434 -39.87 3.93 3.41
C GLY A 434 -40.97 3.99 2.38
N ALA A 435 -41.71 2.92 2.21
CA ALA A 435 -42.58 2.72 1.03
C ALA A 435 -43.80 3.64 1.13
N SER A 436 -44.11 4.13 2.31
CA SER A 436 -45.26 5.05 2.53
C SER A 436 -44.83 6.53 2.49
N GLY A 437 -43.57 6.81 2.13
CA GLY A 437 -43.06 8.19 1.97
C GLY A 437 -43.91 8.99 1.01
N ASP A 438 -44.18 10.23 1.37
CA ASP A 438 -44.98 11.21 0.57
C ASP A 438 -44.23 11.61 -0.71
N SER A 439 -44.98 12.09 -1.71
CA SER A 439 -44.45 12.72 -2.95
C SER A 439 -44.09 14.18 -2.65
N TYR A 440 -42.88 14.59 -3.01
CA TYR A 440 -42.39 15.98 -2.79
C TYR A 440 -41.15 16.21 -3.65
N THR A 441 -40.68 17.46 -3.66
CA THR A 441 -39.50 17.89 -4.45
C THR A 441 -38.41 18.31 -3.49
N LEU A 442 -37.24 17.68 -3.63
CA LEU A 442 -36.02 18.11 -2.92
C LEU A 442 -35.21 19.02 -3.84
N SER A 443 -35.00 20.26 -3.41
CA SER A 443 -34.11 21.25 -4.09
C SER A 443 -32.71 20.99 -3.57
N LEU A 444 -31.91 20.24 -4.34
CA LEU A 444 -30.59 19.77 -3.86
C LEU A 444 -29.51 20.76 -4.31
N SER A 445 -28.80 21.36 -3.37
CA SER A 445 -27.57 22.16 -3.61
C SER A 445 -26.32 21.31 -3.33
N GLY A 446 -25.19 21.67 -3.97
CA GLY A 446 -23.88 21.06 -3.70
C GLY A 446 -23.55 19.92 -4.65
N ALA A 447 -24.39 19.67 -5.65
CA ALA A 447 -24.22 18.58 -6.64
C ALA A 447 -23.03 18.89 -7.56
N GLY A 448 -22.77 20.20 -7.78
CA GLY A 448 -21.69 20.72 -8.62
C GLY A 448 -21.95 20.54 -10.11
N TYR A 449 -23.17 20.24 -10.53
CA TYR A 449 -23.51 20.23 -11.98
C TYR A 449 -23.76 21.69 -12.41
N THR A 450 -23.64 21.95 -13.71
CA THR A 450 -23.79 23.32 -14.27
C THR A 450 -25.30 23.57 -14.49
N ALA A 451 -25.78 24.78 -14.15
CA ALA A 451 -27.14 25.30 -14.45
C ALA A 451 -27.61 24.85 -15.83
N GLY A 452 -28.78 24.19 -15.92
CA GLY A 452 -29.46 23.78 -17.16
C GLY A 452 -29.03 22.44 -17.69
N GLN A 453 -28.03 21.78 -17.08
CA GLN A 453 -27.59 20.44 -17.54
C GLN A 453 -28.73 19.44 -17.36
N GLN A 454 -28.92 18.55 -18.32
CA GLN A 454 -29.83 17.39 -18.22
C GLN A 454 -29.14 16.22 -17.49
N LEU A 455 -29.79 15.70 -16.43
CA LEU A 455 -29.39 14.51 -15.65
C LEU A 455 -30.37 13.37 -15.91
N THR A 456 -29.90 12.12 -15.95
CA THR A 456 -30.74 10.90 -15.96
C THR A 456 -30.76 10.37 -14.51
N GLU A 457 -31.94 10.25 -13.90
CA GLU A 457 -32.17 9.40 -12.70
C GLU A 457 -32.18 7.94 -13.18
N VAL A 458 -31.08 7.21 -12.97
CA VAL A 458 -30.81 5.95 -13.70
C VAL A 458 -31.52 4.76 -13.01
N ILE A 459 -32.13 4.96 -11.84
CA ILE A 459 -32.94 3.87 -11.19
C ILE A 459 -34.31 3.83 -11.86
N GLY A 460 -35.02 4.96 -11.87
CA GLY A 460 -36.36 5.12 -12.46
C GLY A 460 -36.32 5.44 -13.95
N CYS A 461 -35.13 5.76 -14.48
CA CYS A 461 -34.93 6.14 -15.91
C CYS A 461 -35.84 7.30 -16.26
N THR A 462 -35.75 8.39 -15.51
CA THR A 462 -36.37 9.70 -15.83
C THR A 462 -35.26 10.75 -16.02
N THR A 463 -35.63 11.95 -16.46
CA THR A 463 -34.69 13.09 -16.55
C THR A 463 -35.10 14.17 -15.54
N VAL A 464 -34.10 14.89 -15.08
CA VAL A 464 -34.14 16.02 -14.12
C VAL A 464 -33.28 17.07 -14.81
N THR A 465 -33.67 18.36 -14.84
CA THR A 465 -32.79 19.42 -15.40
C THR A 465 -32.31 20.30 -14.23
N VAL A 466 -31.00 20.59 -14.18
CA VAL A 466 -30.45 21.47 -13.11
C VAL A 466 -31.03 22.86 -13.31
N GLY A 467 -31.39 23.53 -12.23
CA GLY A 467 -31.94 24.89 -12.25
C GLY A 467 -30.92 25.89 -12.78
N SER A 468 -31.39 27.08 -13.15
CA SER A 468 -30.55 28.26 -13.47
C SER A 468 -29.68 28.61 -12.26
N ASP A 469 -30.18 28.34 -11.05
CA ASP A 469 -29.53 28.65 -9.75
C ASP A 469 -28.53 27.54 -9.35
N GLY A 470 -28.41 26.47 -10.16
CA GLY A 470 -27.48 25.34 -9.93
C GLY A 470 -28.03 24.28 -8.98
N ASN A 471 -29.21 24.49 -8.39
CA ASN A 471 -29.89 23.47 -7.54
C ASN A 471 -30.57 22.45 -8.43
N VAL A 472 -30.65 21.21 -7.92
CA VAL A 472 -31.30 20.07 -8.62
C VAL A 472 -32.65 19.88 -7.96
N PRO A 473 -33.74 19.90 -8.76
CA PRO A 473 -35.09 19.66 -8.24
C PRO A 473 -35.33 18.14 -8.34
N VAL A 474 -35.07 17.42 -7.26
CA VAL A 474 -35.11 15.92 -7.25
C VAL A 474 -36.50 15.49 -6.85
N PRO A 475 -37.30 14.84 -7.71
CA PRO A 475 -38.60 14.31 -7.29
C PRO A 475 -38.40 13.16 -6.31
N MET A 476 -39.03 13.27 -5.14
CA MET A 476 -39.03 12.24 -4.08
C MET A 476 -40.43 11.61 -3.98
N ALA A 477 -40.50 10.28 -4.04
CA ALA A 477 -41.78 9.51 -3.99
C ALA A 477 -41.47 8.11 -3.47
N GLY A 478 -42.38 7.53 -2.68
CA GLY A 478 -42.29 6.09 -2.35
C GLY A 478 -41.03 5.77 -1.57
N GLY A 479 -40.40 6.78 -0.96
CA GLY A 479 -39.11 6.65 -0.25
C GLY A 479 -38.01 6.07 -1.16
N LEU A 480 -38.09 6.20 -2.49
CA LEU A 480 -37.19 5.52 -3.44
C LEU A 480 -35.84 6.24 -3.49
N PRO A 481 -34.73 5.48 -3.69
CA PRO A 481 -33.43 6.12 -3.94
C PRO A 481 -33.45 6.75 -5.34
N ARG A 482 -32.65 7.82 -5.51
CA ARG A 482 -32.45 8.48 -6.82
C ARG A 482 -30.94 8.52 -7.12
N VAL A 483 -30.54 8.20 -8.33
CA VAL A 483 -29.11 8.17 -8.71
C VAL A 483 -28.99 8.96 -10.01
N LEU A 484 -28.30 10.09 -9.93
CA LEU A 484 -28.21 11.07 -11.03
C LEU A 484 -26.83 11.03 -11.68
N TYR A 485 -26.81 11.14 -13.01
CA TYR A 485 -25.61 11.13 -13.89
C TYR A 485 -25.92 11.89 -15.19
N PRO A 486 -24.97 12.70 -15.71
CA PRO A 486 -25.28 13.54 -16.87
C PRO A 486 -25.76 12.75 -18.08
N THR A 487 -26.88 13.23 -18.65
CA THR A 487 -27.57 12.52 -19.75
C THR A 487 -26.61 12.40 -20.95
N GLU A 488 -25.86 13.45 -21.25
CA GLU A 488 -24.98 13.45 -22.46
C GLU A 488 -23.90 12.36 -22.32
N LYS A 489 -23.46 12.06 -21.09
CA LYS A 489 -22.41 11.05 -20.81
C LYS A 489 -22.95 9.62 -20.99
N LEU A 490 -24.28 9.44 -21.03
CA LEU A 490 -24.92 8.12 -21.27
C LEU A 490 -25.02 7.80 -22.76
N ALA A 491 -24.79 8.78 -23.64
CA ALA A 491 -24.89 8.60 -25.12
C ALA A 491 -24.20 7.28 -25.48
N GLY A 492 -24.88 6.43 -26.23
CA GLY A 492 -24.33 5.17 -26.75
C GLY A 492 -24.28 4.06 -25.71
N SER A 493 -24.63 4.33 -24.45
CA SER A 493 -24.67 3.30 -23.36
C SER A 493 -26.00 2.55 -23.41
N LYS A 494 -26.06 1.41 -22.75
CA LYS A 494 -27.30 0.59 -22.69
C LYS A 494 -28.15 1.09 -21.50
N ILE A 495 -27.70 2.10 -20.76
CA ILE A 495 -28.40 2.54 -19.51
C ILE A 495 -29.64 3.35 -19.89
N CYS A 496 -30.82 2.88 -19.44
CA CYS A 496 -32.14 3.53 -19.69
C CYS A 496 -32.39 3.59 -21.20
N SER A 497 -32.11 2.49 -21.91
CA SER A 497 -32.10 2.32 -23.40
C SER A 497 -33.07 3.30 -24.08
N ALA B 22 22.55 -9.23 1.08
CA ALA B 22 21.45 -9.10 2.09
C ALA B 22 20.11 -8.97 1.34
N THR B 23 19.05 -9.53 1.90
CA THR B 23 17.73 -9.65 1.24
C THR B 23 16.98 -8.32 1.31
N PRO B 24 15.91 -8.16 0.50
CA PRO B 24 14.99 -7.04 0.69
C PRO B 24 14.49 -6.88 2.13
N ALA B 25 14.13 -7.97 2.79
CA ALA B 25 13.68 -7.90 4.20
C ALA B 25 14.81 -7.41 5.11
N ASP B 26 16.04 -7.83 4.87
CA ASP B 26 17.19 -7.34 5.64
C ASP B 26 17.35 -5.82 5.45
N TRP B 27 17.09 -5.32 4.24
CA TRP B 27 17.39 -3.92 3.90
C TRP B 27 16.29 -2.98 4.44
N ARG B 28 15.12 -3.48 4.80
CA ARG B 28 14.04 -2.54 5.28
C ARG B 28 14.51 -1.67 6.42
N SER B 29 15.27 -2.23 7.38
CA SER B 29 15.64 -1.54 8.64
C SER B 29 16.84 -0.62 8.44
N GLN B 30 17.42 -0.57 7.24
CA GLN B 30 18.68 0.17 6.99
C GLN B 30 18.37 1.64 6.77
N SER B 31 19.42 2.44 6.92
N SER B 31 19.41 2.46 6.87
CA SER B 31 19.47 3.89 6.61
CA SER B 31 19.37 3.90 6.52
C SER B 31 20.75 4.12 5.81
C SER B 31 20.70 4.22 5.86
N ILE B 32 20.64 4.76 4.64
CA ILE B 32 21.75 4.84 3.67
C ILE B 32 22.31 6.28 3.59
N TYR B 33 23.61 6.41 3.73
CA TYR B 33 24.43 7.61 3.39
C TYR B 33 24.96 7.38 1.98
N PHE B 34 24.43 8.13 1.02
CA PHE B 34 24.85 8.05 -0.41
C PHE B 34 25.98 9.04 -0.65
N LEU B 35 27.12 8.55 -1.21
CA LEU B 35 28.28 9.43 -1.43
C LEU B 35 28.87 9.21 -2.83
N LEU B 36 29.55 10.26 -3.33
CA LEU B 36 30.35 10.13 -4.54
C LEU B 36 31.72 9.75 -4.07
N THR B 37 32.24 8.64 -4.55
CA THR B 37 33.58 8.18 -4.11
C THR B 37 34.60 9.28 -4.37
N ASP B 38 34.57 9.93 -5.52
CA ASP B 38 35.60 10.94 -5.79
C ASP B 38 35.52 12.12 -4.80
N ARG B 39 34.37 12.34 -4.17
CA ARG B 39 34.07 13.63 -3.51
C ARG B 39 33.94 13.48 -2.00
N PHE B 40 33.99 12.27 -1.45
CA PHE B 40 33.69 12.12 -0.02
C PHE B 40 34.98 12.27 0.81
N ALA B 41 36.01 11.45 0.56
CA ALA B 41 37.20 11.43 1.43
C ALA B 41 38.43 10.94 0.66
N ARG B 42 39.50 11.73 0.74
CA ARG B 42 40.81 11.40 0.17
C ARG B 42 41.57 10.47 1.11
N THR B 43 42.49 9.70 0.55
CA THR B 43 43.34 8.83 1.39
C THR B 43 44.10 9.68 2.40
N ASP B 44 44.62 10.82 1.98
CA ASP B 44 45.44 11.70 2.86
C ASP B 44 44.56 12.39 3.93
N GLY B 45 43.21 12.26 3.87
CA GLY B 45 42.33 12.87 4.88
C GLY B 45 42.31 14.38 4.84
N SER B 46 42.82 15.00 3.79
CA SER B 46 42.83 16.47 3.65
C SER B 46 41.41 17.05 3.72
N THR B 47 41.24 18.14 4.46
CA THR B 47 39.97 18.90 4.51
C THR B 47 40.09 20.21 3.72
N THR B 48 41.21 20.43 3.02
CA THR B 48 41.48 21.67 2.27
C THR B 48 41.81 21.39 0.79
N ALA B 49 42.06 20.15 0.40
CA ALA B 49 42.40 19.81 -1.01
C ALA B 49 41.37 20.41 -1.97
N THR B 50 41.83 21.11 -3.00
CA THR B 50 40.96 21.87 -3.90
C THR B 50 39.95 20.93 -4.54
N CYS B 51 38.68 21.34 -4.59
CA CYS B 51 37.68 20.65 -5.42
C CYS B 51 36.70 21.68 -5.96
N ASN B 52 37.06 22.27 -7.09
N ASN B 52 37.04 22.30 -7.08
CA ASN B 52 36.21 23.22 -7.83
CA ASN B 52 36.13 23.29 -7.72
C ASN B 52 35.19 22.40 -8.61
C ASN B 52 35.17 22.53 -8.64
N THR B 53 33.92 22.41 -8.18
CA THR B 53 32.88 21.60 -8.89
C THR B 53 32.84 22.01 -10.35
N ALA B 54 33.14 23.26 -10.69
CA ALA B 54 32.90 23.70 -12.10
C ALA B 54 33.99 23.11 -13.00
N ASP B 55 35.10 22.72 -12.42
CA ASP B 55 36.21 22.10 -13.21
C ASP B 55 35.80 20.72 -13.71
N GLN B 56 34.90 20.05 -12.98
CA GLN B 56 34.39 18.69 -13.34
C GLN B 56 35.53 17.69 -13.45
N LYS B 57 36.56 17.80 -12.60
CA LYS B 57 37.71 16.88 -12.69
C LYS B 57 37.72 15.94 -11.48
N TYR B 58 38.50 14.86 -11.52
CA TYR B 58 38.75 14.05 -10.32
C TYR B 58 39.35 14.93 -9.23
N CYS B 59 38.78 14.89 -8.03
CA CYS B 59 39.27 15.65 -6.86
C CYS B 59 40.04 14.74 -5.92
N GLY B 60 39.97 13.43 -6.11
CA GLY B 60 40.89 12.45 -5.47
C GLY B 60 40.27 11.66 -4.34
N GLY B 61 38.94 11.67 -4.19
CA GLY B 61 38.29 10.79 -3.21
C GLY B 61 38.53 9.31 -3.50
N THR B 62 38.65 8.50 -2.44
CA THR B 62 39.03 7.08 -2.56
C THR B 62 38.20 6.16 -1.67
N TRP B 63 38.22 4.87 -1.97
CA TRP B 63 37.65 3.84 -1.06
C TRP B 63 38.34 3.88 0.32
N GLN B 64 39.66 4.02 0.39
CA GLN B 64 40.38 4.08 1.69
C GLN B 64 39.90 5.31 2.45
N GLY B 65 39.73 6.44 1.76
CA GLY B 65 39.21 7.66 2.41
C GLY B 65 37.91 7.35 3.13
N ILE B 66 36.99 6.64 2.48
CA ILE B 66 35.67 6.28 3.09
C ILE B 66 35.92 5.51 4.39
N ILE B 67 36.74 4.46 4.33
CA ILE B 67 37.04 3.65 5.54
C ILE B 67 37.45 4.57 6.71
N ASP B 68 38.31 5.55 6.44
CA ASP B 68 38.85 6.40 7.53
C ASP B 68 37.76 7.32 8.12
N LYS B 69 36.66 7.58 7.38
CA LYS B 69 35.56 8.45 7.88
C LYS B 69 34.28 7.67 8.21
N LEU B 70 34.36 6.35 8.41
CA LEU B 70 33.17 5.57 8.84
C LEU B 70 32.65 6.01 10.21
N ASP B 71 33.47 6.48 11.17
CA ASP B 71 32.92 6.99 12.45
C ASP B 71 32.01 8.20 12.19
N TYR B 72 32.42 9.07 11.28
CA TYR B 72 31.61 10.27 10.90
C TYR B 72 30.25 9.81 10.38
N ILE B 73 30.23 8.82 9.49
CA ILE B 73 28.96 8.33 8.90
C ILE B 73 28.11 7.64 9.98
N GLN B 74 28.70 6.76 10.76
CA GLN B 74 27.99 6.00 11.81
C GLN B 74 27.46 6.93 12.91
N GLY B 75 28.16 8.04 13.19
CA GLY B 75 27.75 9.00 14.22
C GLY B 75 26.41 9.66 13.87
N MET B 76 26.00 9.65 12.60
CA MET B 76 24.65 10.14 12.21
C MET B 76 23.60 9.03 12.26
N GLY B 77 23.98 7.81 12.62
CA GLY B 77 23.03 6.69 12.77
C GLY B 77 22.73 5.97 11.47
N PHE B 78 23.52 6.16 10.44
CA PHE B 78 23.36 5.42 9.17
C PHE B 78 23.89 4.01 9.39
N THR B 79 23.29 3.05 8.71
CA THR B 79 23.67 1.62 8.83
C THR B 79 24.27 1.11 7.54
N ALA B 80 24.37 1.93 6.51
CA ALA B 80 24.78 1.48 5.17
C ALA B 80 25.30 2.68 4.40
N ILE B 81 26.08 2.40 3.37
CA ILE B 81 26.50 3.44 2.39
C ILE B 81 26.18 2.94 1.00
N TRP B 82 25.86 3.90 0.15
CA TRP B 82 25.75 3.67 -1.31
C TRP B 82 26.87 4.48 -1.95
N ILE B 83 27.75 3.79 -2.67
CA ILE B 83 28.90 4.43 -3.36
C ILE B 83 28.65 4.40 -4.87
N THR B 84 29.20 5.39 -5.56
CA THR B 84 29.01 5.49 -7.02
C THR B 84 29.78 4.36 -7.73
N PRO B 85 29.54 4.14 -9.03
CA PRO B 85 30.03 2.97 -9.74
C PRO B 85 31.54 2.79 -9.70
N VAL B 86 31.93 1.52 -9.76
CA VAL B 86 33.33 1.09 -9.49
C VAL B 86 34.05 0.73 -10.79
N THR B 87 33.37 0.64 -11.94
CA THR B 87 33.97 0.14 -13.19
C THR B 87 34.91 1.18 -13.81
N ALA B 88 35.87 0.68 -14.59
CA ALA B 88 36.82 1.56 -15.30
C ALA B 88 36.05 2.37 -16.34
N GLN B 89 36.48 3.61 -16.50
CA GLN B 89 35.73 4.64 -17.26
C GLN B 89 36.50 5.07 -18.51
N LEU B 90 35.84 5.81 -19.36
CA LEU B 90 36.53 6.58 -20.41
C LEU B 90 37.64 7.39 -19.75
N PRO B 91 38.77 7.50 -20.46
CA PRO B 91 39.96 8.16 -19.91
C PRO B 91 40.04 9.68 -20.08
N GLN B 92 39.25 10.23 -20.98
CA GLN B 92 39.38 11.62 -21.44
C GLN B 92 38.89 12.59 -20.33
N THR B 93 39.43 13.79 -20.31
CA THR B 93 38.75 14.97 -19.77
C THR B 93 37.90 15.47 -20.93
N THR B 94 36.64 15.14 -20.85
CA THR B 94 35.62 15.54 -21.87
C THR B 94 35.33 17.05 -21.68
N ALA B 95 34.54 17.60 -22.58
CA ALA B 95 34.01 18.97 -22.41
C ALA B 95 33.14 19.07 -21.15
N TYR B 96 32.64 17.94 -20.63
CA TYR B 96 31.90 17.89 -19.36
C TYR B 96 32.78 17.34 -18.24
N GLY B 97 34.09 17.30 -18.44
CA GLY B 97 35.02 16.86 -17.41
C GLY B 97 35.36 15.37 -17.46
N ASP B 98 35.96 14.95 -16.37
CA ASP B 98 36.41 13.56 -16.14
C ASP B 98 35.20 12.70 -15.73
N ALA B 99 35.37 11.40 -15.87
CA ALA B 99 34.36 10.39 -15.42
C ALA B 99 34.42 10.23 -13.90
N TYR B 100 34.49 11.33 -13.16
CA TYR B 100 34.72 11.25 -11.70
C TYR B 100 33.51 10.60 -11.01
N HIS B 101 32.36 10.68 -11.64
CA HIS B 101 31.06 10.20 -11.10
C HIS B 101 30.86 8.71 -11.33
N GLY B 102 31.59 8.09 -12.27
CA GLY B 102 31.49 6.64 -12.43
C GLY B 102 30.48 6.17 -13.48
N TYR B 103 29.70 7.07 -14.13
CA TYR B 103 28.57 6.68 -15.02
C TYR B 103 28.95 6.60 -16.50
N TRP B 104 30.26 6.59 -16.82
CA TRP B 104 30.77 6.55 -18.23
C TRP B 104 31.69 5.35 -18.38
N GLN B 105 31.21 4.16 -18.07
CA GLN B 105 32.10 2.97 -17.99
C GLN B 105 32.53 2.53 -19.40
N GLN B 106 33.70 1.89 -19.50
CA GLN B 106 34.15 1.29 -20.77
C GLN B 106 34.62 -0.15 -20.52
N ASP B 107 35.22 -0.44 -19.36
CA ASP B 107 35.76 -1.80 -19.11
C ASP B 107 35.17 -2.30 -17.81
N ILE B 108 34.16 -3.15 -17.88
CA ILE B 108 33.38 -3.52 -16.67
C ILE B 108 34.19 -4.54 -15.85
N TYR B 109 35.24 -5.11 -16.44
CA TYR B 109 36.10 -6.10 -15.71
C TYR B 109 37.37 -5.48 -15.15
N SER B 110 37.50 -4.15 -15.18
CA SER B 110 38.54 -3.41 -14.44
C SER B 110 37.85 -2.43 -13.49
N LEU B 111 38.53 -2.13 -12.40
CA LEU B 111 38.07 -1.05 -11.50
C LEU B 111 38.61 0.29 -12.01
N ASN B 112 37.95 1.35 -11.57
CA ASN B 112 38.46 2.72 -11.70
C ASN B 112 39.62 2.94 -10.72
N GLU B 113 40.85 2.88 -11.22
CA GLU B 113 42.05 3.00 -10.33
C GLU B 113 42.14 4.34 -9.61
N ASN B 114 41.38 5.36 -10.02
CA ASN B 114 41.31 6.63 -9.27
C ASN B 114 40.93 6.35 -7.81
N TYR B 115 40.09 5.35 -7.55
CA TYR B 115 39.55 5.15 -6.19
C TYR B 115 40.39 4.20 -5.37
N GLY B 116 41.28 3.48 -6.02
CA GLY B 116 42.09 2.47 -5.34
C GLY B 116 42.15 1.17 -6.13
N THR B 117 42.56 0.11 -5.45
CA THR B 117 42.74 -1.23 -6.02
C THR B 117 41.57 -2.13 -5.61
N ALA B 118 41.47 -3.31 -6.19
CA ALA B 118 40.49 -4.33 -5.76
C ALA B 118 40.64 -4.58 -4.24
N ASP B 119 41.87 -4.64 -3.72
CA ASP B 119 42.11 -4.87 -2.27
C ASP B 119 41.46 -3.74 -1.48
N ASP B 120 41.47 -2.51 -1.98
CA ASP B 120 40.88 -1.36 -1.26
C ASP B 120 39.35 -1.47 -1.21
N LEU B 121 38.71 -1.81 -2.32
CA LEU B 121 37.24 -1.98 -2.35
C LEU B 121 36.84 -3.16 -1.43
N LYS B 122 37.64 -4.24 -1.44
CA LYS B 122 37.38 -5.36 -0.50
C LYS B 122 37.60 -4.92 0.95
N ALA B 123 38.59 -4.04 1.21
CA ALA B 123 38.88 -3.51 2.54
C ALA B 123 37.71 -2.62 3.00
N LEU B 124 37.06 -1.94 2.06
CA LEU B 124 35.90 -1.07 2.45
C LEU B 124 34.74 -1.99 2.85
N SER B 125 34.47 -2.99 2.03
CA SER B 125 33.40 -3.97 2.29
C SER B 125 33.61 -4.54 3.69
N SER B 126 34.83 -4.99 3.95
CA SER B 126 35.13 -5.65 5.24
C SER B 126 35.00 -4.64 6.40
N ALA B 127 35.45 -3.39 6.23
CA ALA B 127 35.36 -2.37 7.30
C ALA B 127 33.91 -2.10 7.64
N LEU B 128 33.03 -2.03 6.62
CA LEU B 128 31.59 -1.82 6.88
C LEU B 128 31.05 -3.03 7.66
N HIS B 129 31.37 -4.25 7.22
CA HIS B 129 30.84 -5.51 7.81
C HIS B 129 31.29 -5.56 9.27
N GLU B 130 32.52 -5.12 9.53
CA GLU B 130 33.06 -5.25 10.91
C GLU B 130 32.22 -4.39 11.85
N ARG B 131 31.71 -3.27 11.35
CA ARG B 131 30.82 -2.36 12.14
C ARG B 131 29.34 -2.73 12.04
N GLY B 132 28.97 -3.82 11.38
CA GLY B 132 27.57 -4.24 11.23
C GLY B 132 26.83 -3.43 10.17
N MET B 133 27.56 -2.78 9.29
CA MET B 133 26.99 -1.91 8.22
C MET B 133 27.01 -2.64 6.89
N TYR B 134 26.17 -2.15 5.96
CA TYR B 134 26.04 -2.68 4.59
C TYR B 134 26.75 -1.78 3.59
N LEU B 135 27.24 -2.43 2.53
CA LEU B 135 27.76 -1.77 1.32
C LEU B 135 26.76 -1.93 0.19
N MET B 136 26.32 -0.79 -0.36
CA MET B 136 25.52 -0.77 -1.61
C MET B 136 26.39 -0.15 -2.68
N VAL B 137 26.43 -0.81 -3.85
CA VAL B 137 27.22 -0.32 -5.00
C VAL B 137 26.27 0.05 -6.14
N ASP B 138 26.58 1.21 -6.71
CA ASP B 138 25.87 1.74 -7.89
C ASP B 138 26.31 0.99 -9.13
N VAL B 139 25.37 0.59 -9.98
CA VAL B 139 25.71 -0.13 -11.23
C VAL B 139 24.83 0.39 -12.36
N VAL B 140 25.36 0.39 -13.56
CA VAL B 140 24.64 0.75 -14.82
C VAL B 140 24.67 -0.47 -15.70
N ALA B 141 23.53 -0.90 -16.24
CA ALA B 141 23.47 -1.93 -17.31
C ALA B 141 23.08 -1.27 -18.63
N ASN B 142 22.53 -0.09 -18.59
CA ASN B 142 21.95 0.52 -19.81
C ASN B 142 23.05 0.87 -20.82
N HIS B 143 24.14 1.44 -20.36
CA HIS B 143 25.07 2.20 -21.25
C HIS B 143 26.54 2.16 -20.83
N MET B 144 27.39 2.35 -21.82
CA MET B 144 28.82 2.69 -21.63
C MET B 144 28.93 4.21 -21.85
N GLY B 145 30.13 4.76 -21.69
CA GLY B 145 30.39 6.17 -22.01
C GLY B 145 31.46 6.27 -23.09
N TYR B 146 31.39 7.34 -23.86
CA TYR B 146 32.40 7.60 -24.92
C TYR B 146 32.53 9.10 -25.09
N ASP B 147 33.76 9.60 -25.19
CA ASP B 147 34.04 11.02 -25.45
C ASP B 147 33.78 11.34 -26.92
N GLY B 148 32.78 12.18 -27.16
CA GLY B 148 32.47 12.66 -28.50
C GLY B 148 31.27 12.01 -29.09
N ALA B 149 31.11 12.26 -30.38
CA ALA B 149 29.86 12.00 -31.11
C ALA B 149 29.55 10.50 -31.18
N GLY B 150 28.26 10.17 -31.21
CA GLY B 150 27.76 8.78 -31.33
C GLY B 150 28.27 8.11 -32.61
N SER B 151 28.36 8.86 -33.70
CA SER B 151 28.73 8.32 -35.03
C SER B 151 30.24 8.00 -35.10
N SER B 152 31.02 8.53 -34.14
CA SER B 152 32.49 8.44 -34.04
C SER B 152 32.92 7.27 -33.15
N VAL B 153 31.97 6.53 -32.57
CA VAL B 153 32.34 5.53 -31.52
C VAL B 153 33.17 4.38 -32.12
N ASP B 154 34.31 4.07 -31.50
CA ASP B 154 35.12 2.87 -31.81
C ASP B 154 34.77 1.83 -30.75
N TYR B 155 33.93 0.87 -31.12
CA TYR B 155 33.37 -0.09 -30.14
C TYR B 155 34.48 -0.98 -29.57
N SER B 156 35.71 -1.02 -30.13
CA SER B 156 36.80 -1.88 -29.60
C SER B 156 37.19 -1.40 -28.21
N VAL B 157 36.84 -0.19 -27.78
CA VAL B 157 37.26 0.28 -26.44
C VAL B 157 36.44 -0.38 -25.33
N PHE B 158 35.28 -0.92 -25.64
CA PHE B 158 34.35 -1.51 -24.62
C PHE B 158 34.73 -2.96 -24.36
N LYS B 159 34.78 -3.30 -23.07
CA LYS B 159 35.12 -4.66 -22.58
C LYS B 159 34.02 -5.06 -21.61
N PRO B 160 33.32 -6.18 -21.86
CA PRO B 160 33.57 -7.11 -22.97
C PRO B 160 32.82 -6.81 -24.28
N PHE B 161 32.02 -5.74 -24.32
CA PHE B 161 31.08 -5.48 -25.44
C PHE B 161 31.80 -4.78 -26.60
N SER B 162 32.82 -5.41 -27.17
CA SER B 162 33.84 -4.77 -28.01
C SER B 162 33.41 -4.83 -29.48
N SER B 163 32.12 -4.69 -29.74
CA SER B 163 31.56 -4.68 -31.11
C SER B 163 30.31 -3.83 -31.12
N GLN B 164 30.03 -3.19 -32.25
CA GLN B 164 28.76 -2.47 -32.50
C GLN B 164 27.57 -3.45 -32.40
N ASP B 165 27.78 -4.75 -32.64
CA ASP B 165 26.68 -5.75 -32.61
C ASP B 165 26.01 -5.79 -31.23
N TYR B 166 26.69 -5.39 -30.16
CA TYR B 166 26.13 -5.47 -28.78
C TYR B 166 25.24 -4.27 -28.47
N PHE B 167 25.13 -3.29 -29.37
CA PHE B 167 24.51 -1.99 -29.11
C PHE B 167 23.34 -1.74 -30.03
N HIS B 168 22.40 -0.97 -29.51
CA HIS B 168 21.27 -0.43 -30.27
C HIS B 168 21.84 0.53 -31.30
N PRO B 169 21.23 0.62 -32.50
CA PRO B 169 21.61 1.65 -33.46
C PRO B 169 21.58 3.04 -32.81
N PHE B 170 22.52 3.89 -33.24
CA PHE B 170 22.65 5.27 -32.72
C PHE B 170 21.38 6.08 -32.99
N CYS B 171 20.80 6.66 -31.95
CA CYS B 171 19.71 7.68 -31.97
C CYS B 171 19.66 8.31 -30.58
N PHE B 172 19.16 9.52 -30.46
CA PHE B 172 18.86 10.12 -29.15
C PHE B 172 17.40 9.97 -28.80
N ILE B 173 17.13 9.94 -27.51
CA ILE B 173 15.74 9.91 -27.03
C ILE B 173 15.20 11.32 -27.24
N GLN B 174 14.25 11.44 -28.16
CA GLN B 174 13.53 12.70 -28.48
C GLN B 174 12.22 12.70 -27.68
N ASN B 175 11.42 11.65 -27.86
CA ASN B 175 10.04 11.52 -27.28
C ASN B 175 10.07 10.66 -26.02
N TYR B 176 10.10 11.27 -24.84
CA TYR B 176 10.19 10.53 -23.55
C TYR B 176 8.84 9.85 -23.25
N GLU B 177 7.77 10.13 -24.00
CA GLU B 177 6.48 9.40 -23.85
C GLU B 177 6.40 8.18 -24.77
N ASP B 178 7.41 7.96 -25.62
CA ASP B 178 7.54 6.73 -26.45
C ASP B 178 8.49 5.79 -25.72
N GLN B 179 7.95 4.78 -25.05
CA GLN B 179 8.75 3.94 -24.14
C GLN B 179 9.73 3.11 -24.95
N THR B 180 9.40 2.75 -26.19
CA THR B 180 10.35 2.07 -27.11
C THR B 180 11.56 2.99 -27.35
N GLN B 181 11.35 4.27 -27.61
CA GLN B 181 12.47 5.24 -27.82
C GLN B 181 13.27 5.36 -26.51
N VAL B 182 12.58 5.44 -25.38
CA VAL B 182 13.22 5.58 -24.05
C VAL B 182 14.17 4.40 -23.86
N GLU B 183 13.81 3.20 -24.32
CA GLU B 183 14.63 1.97 -24.09
C GLU B 183 15.68 1.76 -25.17
N ASP B 184 15.36 2.14 -26.41
CA ASP B 184 16.18 1.69 -27.56
C ASP B 184 17.13 2.78 -28.04
N CYS B 185 16.88 4.05 -27.72
CA CYS B 185 17.73 5.17 -28.13
C CYS B 185 18.73 5.48 -27.01
N TRP B 186 19.74 6.27 -27.33
CA TRP B 186 20.89 6.54 -26.44
C TRP B 186 20.58 7.74 -25.56
N LEU B 187 21.03 7.68 -24.32
CA LEU B 187 21.21 8.84 -23.46
C LEU B 187 22.45 9.65 -23.87
N GLY B 188 22.65 10.79 -23.22
CA GLY B 188 23.84 11.62 -23.44
C GLY B 188 23.61 12.52 -24.64
N ASP B 189 24.68 12.94 -25.27
CA ASP B 189 24.53 13.94 -26.37
C ASP B 189 25.74 13.79 -27.28
N ASN B 190 25.96 14.82 -28.10
CA ASN B 190 27.01 14.82 -29.14
C ASN B 190 28.38 15.09 -28.49
N THR B 191 28.37 15.61 -27.28
CA THR B 191 29.60 15.93 -26.53
C THR B 191 30.16 14.70 -25.83
N VAL B 192 29.35 14.03 -25.01
CA VAL B 192 29.69 12.72 -24.38
C VAL B 192 28.53 11.78 -24.70
N SER B 193 28.78 10.77 -25.52
CA SER B 193 27.74 9.83 -25.98
C SER B 193 27.70 8.64 -25.00
N LEU B 194 26.54 8.03 -24.84
CA LEU B 194 26.33 6.92 -23.87
C LEU B 194 25.82 5.74 -24.69
N PRO B 195 26.73 5.02 -25.38
CA PRO B 195 26.32 3.91 -26.23
C PRO B 195 25.39 2.92 -25.50
N ASP B 196 24.26 2.67 -26.12
CA ASP B 196 23.10 1.99 -25.48
C ASP B 196 23.19 0.51 -25.77
N LEU B 197 23.43 -0.33 -24.75
CA LEU B 197 23.49 -1.78 -24.89
C LEU B 197 22.15 -2.35 -25.38
N ASP B 198 22.20 -3.28 -26.34
CA ASP B 198 20.98 -3.96 -26.82
C ASP B 198 20.65 -5.06 -25.80
N THR B 199 19.96 -4.65 -24.74
CA THR B 199 19.67 -5.53 -23.59
C THR B 199 18.56 -6.52 -23.96
N THR B 200 18.04 -6.51 -25.19
CA THR B 200 17.10 -7.57 -25.67
C THR B 200 17.88 -8.78 -26.21
N LYS B 201 19.19 -8.66 -26.41
CA LYS B 201 19.98 -9.79 -26.97
C LYS B 201 20.34 -10.73 -25.83
N ASP B 202 20.16 -12.04 -26.03
CA ASP B 202 20.51 -13.04 -24.98
C ASP B 202 21.97 -12.88 -24.58
N VAL B 203 22.87 -12.63 -25.53
CA VAL B 203 24.32 -12.54 -25.21
C VAL B 203 24.54 -11.38 -24.22
N VAL B 204 23.84 -10.27 -24.38
CA VAL B 204 24.03 -9.09 -23.49
C VAL B 204 23.40 -9.41 -22.12
N LYS B 205 22.20 -10.01 -22.08
CA LYS B 205 21.60 -10.47 -20.79
C LYS B 205 22.59 -11.38 -20.06
N ASN B 206 23.12 -12.38 -20.75
CA ASN B 206 23.98 -13.40 -20.09
C ASN B 206 25.26 -12.78 -19.53
N GLU B 207 25.89 -11.89 -20.30
N GLU B 207 25.93 -11.92 -20.32
CA GLU B 207 27.14 -11.21 -19.88
CA GLU B 207 27.17 -11.21 -19.87
C GLU B 207 26.88 -10.31 -18.66
C GLU B 207 26.82 -10.41 -18.61
N TRP B 208 25.78 -9.57 -18.67
CA TRP B 208 25.42 -8.70 -17.52
C TRP B 208 25.05 -9.54 -16.29
N TYR B 209 24.29 -10.60 -16.48
CA TYR B 209 23.91 -11.46 -15.33
C TYR B 209 25.14 -12.10 -14.72
N ASP B 210 26.04 -12.69 -15.53
CA ASP B 210 27.29 -13.26 -15.01
C ASP B 210 28.10 -12.18 -14.29
N TRP B 211 28.20 -11.00 -14.86
CA TRP B 211 28.99 -9.89 -14.30
C TRP B 211 28.46 -9.52 -12.92
N VAL B 212 27.15 -9.30 -12.82
CA VAL B 212 26.63 -8.72 -11.55
C VAL B 212 26.75 -9.77 -10.44
N GLY B 213 26.46 -11.04 -10.71
CA GLY B 213 26.58 -12.03 -9.62
C GLY B 213 28.05 -12.14 -9.20
N SER B 214 28.98 -12.05 -10.16
CA SER B 214 30.42 -12.12 -9.85
C SER B 214 30.92 -10.86 -9.16
N LEU B 215 30.36 -9.67 -9.48
CA LEU B 215 30.75 -8.43 -8.79
C LEU B 215 30.33 -8.56 -7.32
N VAL B 216 29.08 -8.92 -7.09
CA VAL B 216 28.52 -9.01 -5.70
C VAL B 216 29.34 -10.03 -4.90
N SER B 217 29.66 -11.17 -5.50
CA SER B 217 30.45 -12.21 -4.80
C SER B 217 31.86 -11.70 -4.48
N ASN B 218 32.55 -11.12 -5.45
CA ASN B 218 33.98 -10.77 -5.33
C ASN B 218 34.17 -9.70 -4.25
N TYR B 219 33.23 -8.77 -4.08
CA TYR B 219 33.42 -7.64 -3.17
C TYR B 219 32.47 -7.74 -1.98
N SER B 220 31.74 -8.86 -1.82
CA SER B 220 30.85 -9.06 -0.66
C SER B 220 29.92 -7.87 -0.57
N ILE B 221 29.30 -7.52 -1.70
CA ILE B 221 28.34 -6.39 -1.73
C ILE B 221 26.98 -6.86 -1.16
N ASP B 222 26.30 -5.96 -0.41
CA ASP B 222 25.08 -6.33 0.34
C ASP B 222 23.82 -5.91 -0.39
N GLY B 223 23.98 -4.95 -1.30
CA GLY B 223 22.84 -4.43 -2.08
C GLY B 223 23.34 -3.60 -3.25
N LEU B 224 22.48 -3.40 -4.27
CA LEU B 224 22.85 -2.59 -5.44
C LEU B 224 21.84 -1.45 -5.60
N ARG B 225 22.33 -0.29 -6.01
CA ARG B 225 21.48 0.74 -6.62
C ARG B 225 21.71 0.61 -8.11
N ILE B 226 20.68 0.23 -8.84
CA ILE B 226 20.76 0.03 -10.31
C ILE B 226 20.27 1.34 -10.93
N ASP B 227 21.20 2.07 -11.53
CA ASP B 227 20.80 3.33 -12.19
C ASP B 227 20.07 3.02 -13.48
N THR B 228 19.30 3.97 -14.01
CA THR B 228 18.97 3.98 -15.45
C THR B 228 18.00 2.85 -15.80
N VAL B 229 17.13 2.49 -14.87
CA VAL B 229 16.26 1.29 -15.04
C VAL B 229 15.21 1.50 -16.13
N LYS B 230 14.61 2.69 -16.23
CA LYS B 230 13.47 2.88 -17.17
C LYS B 230 13.99 2.84 -18.60
N HIS B 231 15.30 2.92 -18.81
CA HIS B 231 15.92 2.90 -20.15
C HIS B 231 16.25 1.50 -20.60
N VAL B 232 15.85 0.47 -19.84
CA VAL B 232 16.12 -0.94 -20.18
C VAL B 232 14.77 -1.65 -20.09
N GLN B 233 14.41 -2.46 -21.09
CA GLN B 233 13.08 -3.13 -21.15
C GLN B 233 12.87 -4.00 -19.90
N LYS B 234 11.62 -4.03 -19.43
CA LYS B 234 11.31 -4.65 -18.12
C LYS B 234 11.78 -6.10 -18.03
N ASP B 235 11.69 -6.86 -19.13
CA ASP B 235 12.02 -8.31 -19.11
C ASP B 235 13.49 -8.57 -18.82
N PHE B 236 14.35 -7.54 -18.85
CA PHE B 236 15.77 -7.71 -18.50
C PHE B 236 15.92 -7.89 -16.99
N TRP B 237 15.05 -7.23 -16.21
CA TRP B 237 15.38 -6.92 -14.80
C TRP B 237 15.22 -8.11 -13.86
N PRO B 238 14.19 -8.98 -13.99
CA PRO B 238 14.07 -10.06 -13.02
C PRO B 238 15.33 -10.94 -13.01
N GLY B 239 15.85 -11.25 -14.20
CA GLY B 239 17.08 -12.06 -14.31
C GLY B 239 18.26 -11.37 -13.68
N TYR B 240 18.37 -10.05 -13.86
CA TYR B 240 19.51 -9.26 -13.30
C TYR B 240 19.43 -9.25 -11.76
N ASN B 241 18.24 -9.01 -11.24
CA ASN B 241 18.04 -8.95 -9.76
C ASN B 241 18.32 -10.32 -9.16
N LYS B 242 17.86 -11.38 -9.82
CA LYS B 242 18.11 -12.78 -9.37
C LYS B 242 19.60 -13.05 -9.36
N ALA B 243 20.31 -12.69 -10.42
CA ALA B 243 21.77 -12.95 -10.61
C ALA B 243 22.54 -12.20 -9.53
N ALA B 244 22.10 -10.98 -9.21
CA ALA B 244 22.79 -10.17 -8.18
C ALA B 244 22.74 -10.91 -6.84
N GLY B 245 21.62 -11.59 -6.57
CA GLY B 245 21.34 -12.34 -5.34
C GLY B 245 21.35 -11.47 -4.11
N VAL B 246 21.01 -10.20 -4.27
CA VAL B 246 20.89 -9.21 -3.16
C VAL B 246 19.77 -8.21 -3.51
N TYR B 247 19.34 -7.48 -2.53
CA TYR B 247 18.37 -6.37 -2.71
C TYR B 247 18.89 -5.41 -3.77
N CYS B 248 18.05 -5.11 -4.76
CA CYS B 248 18.34 -4.12 -5.79
C CYS B 248 17.29 -3.00 -5.70
N ILE B 249 17.75 -1.76 -5.66
CA ILE B 249 16.85 -0.58 -5.73
C ILE B 249 17.16 0.18 -7.01
N GLY B 250 16.14 0.32 -7.86
CA GLY B 250 16.26 0.92 -9.20
C GLY B 250 16.01 2.41 -9.23
N GLU B 251 16.78 3.11 -10.05
CA GLU B 251 16.46 4.50 -10.42
C GLU B 251 15.50 4.46 -11.61
N VAL B 252 14.27 4.88 -11.37
CA VAL B 252 13.22 5.05 -12.41
C VAL B 252 12.82 6.51 -12.31
N LEU B 253 13.41 7.33 -13.21
CA LEU B 253 13.34 8.78 -12.99
C LEU B 253 12.00 9.28 -13.55
N ASP B 254 10.95 9.10 -12.73
CA ASP B 254 9.60 9.59 -13.11
C ASP B 254 8.80 9.83 -11.84
N GLY B 255 8.15 10.99 -11.75
CA GLY B 255 7.35 11.36 -10.59
C GLY B 255 5.96 10.72 -10.56
N ASP B 256 5.55 10.07 -11.64
CA ASP B 256 4.19 9.46 -11.73
C ASP B 256 4.22 8.04 -11.18
N PRO B 257 3.59 7.79 -10.02
CA PRO B 257 3.60 6.46 -9.44
C PRO B 257 3.01 5.41 -10.41
N ALA B 258 2.12 5.81 -11.33
CA ALA B 258 1.55 4.86 -12.32
C ALA B 258 2.60 4.39 -13.33
N TYR B 259 3.65 5.18 -13.54
CA TYR B 259 4.78 4.79 -14.41
C TYR B 259 5.82 4.03 -13.58
N THR B 260 6.19 4.61 -12.42
CA THR B 260 7.38 4.18 -11.64
C THR B 260 7.06 2.93 -10.83
N CYS B 261 5.91 2.87 -10.16
CA CYS B 261 5.63 1.79 -9.18
C CYS B 261 5.58 0.43 -9.86
N PRO B 262 5.06 0.27 -11.10
CA PRO B 262 5.09 -1.03 -11.72
C PRO B 262 6.49 -1.64 -11.91
N TYR B 263 7.55 -0.82 -11.89
CA TYR B 263 8.93 -1.40 -11.97
C TYR B 263 9.24 -2.28 -10.76
N GLN B 264 8.52 -2.08 -9.66
CA GLN B 264 8.68 -2.94 -8.46
C GLN B 264 8.13 -4.35 -8.72
N ASN B 265 7.42 -4.59 -9.83
CA ASN B 265 7.06 -5.95 -10.29
C ASN B 265 8.29 -6.67 -10.87
N VAL B 266 9.33 -5.94 -11.29
CA VAL B 266 10.53 -6.58 -11.92
C VAL B 266 11.81 -6.35 -11.09
N MET B 267 11.73 -5.62 -9.98
CA MET B 267 12.91 -5.28 -9.18
C MET B 267 12.44 -5.11 -7.73
N ASP B 268 13.31 -5.39 -6.77
CA ASP B 268 12.91 -5.40 -5.34
C ASP B 268 12.36 -4.05 -4.89
N GLY B 269 13.11 -2.99 -5.20
CA GLY B 269 12.74 -1.61 -4.82
C GLY B 269 13.03 -0.62 -5.94
N VAL B 270 12.41 0.55 -5.87
CA VAL B 270 12.80 1.69 -6.74
C VAL B 270 12.98 2.90 -5.83
N LEU B 271 13.83 3.81 -6.26
CA LEU B 271 13.96 5.11 -5.58
C LEU B 271 12.61 5.86 -5.65
N ASN B 272 12.27 6.55 -4.60
CA ASN B 272 10.93 7.17 -4.49
C ASN B 272 10.93 8.55 -5.16
N TYR B 273 11.03 8.54 -6.48
CA TYR B 273 10.89 9.76 -7.31
C TYR B 273 9.44 10.27 -7.24
N PRO B 274 8.39 9.43 -7.11
CA PRO B 274 7.05 9.97 -6.87
C PRO B 274 6.92 10.84 -5.64
N ILE B 275 7.54 10.44 -4.51
CA ILE B 275 7.47 11.29 -3.32
C ILE B 275 8.43 12.47 -3.42
N TYR B 276 9.51 12.32 -4.15
CA TYR B 276 10.56 13.36 -4.27
C TYR B 276 9.94 14.73 -4.58
N TYR B 277 9.16 14.82 -5.66
CA TYR B 277 8.71 16.14 -6.16
C TYR B 277 7.82 16.84 -5.13
N PRO B 278 6.75 16.21 -4.60
CA PRO B 278 5.92 16.89 -3.61
C PRO B 278 6.63 17.09 -2.28
N LEU B 279 7.57 16.18 -1.94
CA LEU B 279 8.31 16.36 -0.68
C LEU B 279 9.14 17.64 -0.78
N LEU B 280 9.88 17.79 -1.86
CA LEU B 280 10.72 18.99 -2.09
C LEU B 280 9.81 20.23 -2.09
N ASN B 281 8.70 20.17 -2.81
CA ASN B 281 7.78 21.33 -2.93
C ASN B 281 7.19 21.71 -1.58
N ALA B 282 6.82 20.73 -0.74
CA ALA B 282 6.21 20.98 0.58
C ALA B 282 7.17 21.76 1.46
N PHE B 283 8.46 21.44 1.46
CA PHE B 283 9.40 21.99 2.44
C PHE B 283 10.34 23.03 1.85
N LYS B 284 10.37 23.26 0.56
CA LYS B 284 11.38 24.21 0.02
C LYS B 284 10.91 25.65 0.21
N SER B 285 9.66 25.85 0.57
CA SER B 285 9.17 27.23 0.82
C SER B 285 8.03 27.22 1.82
N THR B 286 7.82 28.35 2.47
CA THR B 286 6.72 28.55 3.46
C THR B 286 5.35 28.49 2.78
N SER B 287 5.27 28.49 1.45
CA SER B 287 4.01 28.34 0.69
C SER B 287 3.88 26.93 0.06
N GLY B 288 4.73 25.97 0.43
CA GLY B 288 4.66 24.64 -0.17
C GLY B 288 3.36 23.89 0.15
N SER B 289 2.95 23.01 -0.76
CA SER B 289 1.68 22.24 -0.67
C SER B 289 1.82 21.03 0.25
N MET B 290 1.24 21.07 1.43
CA MET B 290 1.12 19.88 2.28
C MET B 290 0.13 18.89 1.66
N ASP B 291 -0.84 19.37 0.86
CA ASP B 291 -1.86 18.46 0.27
C ASP B 291 -1.18 17.50 -0.70
N ASP B 292 -0.33 18.00 -1.60
CA ASP B 292 0.31 17.21 -2.65
C ASP B 292 1.15 16.10 -1.99
N LEU B 293 1.88 16.39 -0.92
CA LEU B 293 2.73 15.39 -0.23
C LEU B 293 1.83 14.36 0.47
N TYR B 294 0.84 14.81 1.25
CA TYR B 294 -0.11 13.93 1.94
C TYR B 294 -0.76 12.99 0.92
N ASN B 295 -1.22 13.53 -0.22
CA ASN B 295 -1.92 12.70 -1.24
C ASN B 295 -0.93 11.70 -1.87
N MET B 296 0.31 12.12 -2.13
CA MET B 296 1.27 11.21 -2.77
C MET B 296 1.65 10.07 -1.81
N ILE B 297 1.78 10.34 -0.53
CA ILE B 297 2.10 9.28 0.44
C ILE B 297 1.04 8.19 0.30
N ASN B 298 -0.21 8.63 0.25
CA ASN B 298 -1.36 7.69 0.21
C ASN B 298 -1.40 6.96 -1.13
N THR B 299 -1.11 7.64 -2.23
CA THR B 299 -1.09 7.02 -3.57
C THR B 299 -0.01 5.94 -3.64
N VAL B 300 1.19 6.27 -3.21
CA VAL B 300 2.32 5.31 -3.22
C VAL B 300 2.00 4.13 -2.28
N LYS B 301 1.41 4.42 -1.14
CA LYS B 301 1.08 3.38 -0.13
C LYS B 301 0.18 2.30 -0.73
N SER B 302 -0.80 2.66 -1.56
N SER B 302 -0.79 2.74 -1.53
CA SER B 302 -1.76 1.67 -2.14
CA SER B 302 -1.86 1.90 -2.10
C SER B 302 -1.26 1.18 -3.50
C SER B 302 -1.48 1.32 -3.46
N ASP B 303 -0.75 2.09 -4.29
CA ASP B 303 -0.57 1.82 -5.73
C ASP B 303 0.83 1.29 -6.06
N CYS B 304 1.76 1.29 -5.11
N CYS B 304 1.82 1.38 -5.16
CA CYS B 304 3.09 0.69 -5.32
CA CYS B 304 3.18 0.77 -5.31
C CYS B 304 3.11 -0.68 -4.66
C CYS B 304 3.13 -0.64 -4.69
N PRO B 305 3.71 -1.69 -5.34
CA PRO B 305 3.69 -3.03 -4.76
C PRO B 305 4.10 -3.08 -3.29
N ASP B 306 5.17 -2.40 -2.89
CA ASP B 306 5.52 -2.37 -1.46
C ASP B 306 6.27 -1.08 -1.15
N SER B 307 5.59 -0.10 -0.58
CA SER B 307 6.19 1.21 -0.22
C SER B 307 7.35 1.02 0.78
N THR B 308 7.42 -0.08 1.52
CA THR B 308 8.43 -0.25 2.56
C THR B 308 9.76 -0.73 1.95
N LEU B 309 9.80 -0.98 0.65
CA LEU B 309 11.04 -1.37 -0.06
C LEU B 309 11.48 -0.25 -1.00
N LEU B 310 10.86 0.93 -0.92
CA LEU B 310 11.31 2.09 -1.72
C LEU B 310 12.38 2.86 -0.95
N GLY B 311 13.07 3.76 -1.63
CA GLY B 311 14.08 4.62 -0.99
C GLY B 311 13.67 6.08 -0.99
N THR B 312 13.63 6.67 0.18
CA THR B 312 13.10 8.04 0.33
C THR B 312 14.29 8.98 0.26
N PHE B 313 14.17 10.07 -0.44
CA PHE B 313 15.25 11.06 -0.59
C PHE B 313 14.66 12.41 -0.94
N VAL B 314 15.43 13.46 -0.67
CA VAL B 314 15.10 14.78 -1.26
C VAL B 314 16.34 15.38 -1.90
N GLU B 315 17.48 14.71 -1.87
CA GLU B 315 18.74 15.28 -2.37
C GLU B 315 19.57 14.17 -3.01
N ASN B 316 20.13 14.47 -4.17
CA ASN B 316 21.09 13.59 -4.87
C ASN B 316 21.91 14.45 -5.85
N HIS B 317 22.82 13.80 -6.55
CA HIS B 317 23.76 14.43 -7.49
C HIS B 317 23.11 14.73 -8.85
N ASP B 318 21.80 14.49 -9.01
CA ASP B 318 21.10 14.64 -10.32
C ASP B 318 20.05 15.75 -10.23
N ASN B 319 19.96 16.44 -9.12
CA ASN B 319 18.98 17.53 -8.93
C ASN B 319 19.63 18.59 -8.06
N PRO B 320 19.11 19.84 -8.06
CA PRO B 320 19.61 20.86 -7.14
C PRO B 320 19.44 20.39 -5.72
N ARG B 321 20.43 20.68 -4.88
CA ARG B 321 20.38 20.34 -3.45
C ARG B 321 19.20 21.08 -2.79
N PHE B 322 18.67 20.51 -1.73
CA PHE B 322 17.56 21.16 -1.00
C PHE B 322 17.95 22.61 -0.66
N ALA B 323 19.11 22.84 -0.05
CA ALA B 323 19.50 24.20 0.41
C ALA B 323 19.77 25.13 -0.76
N SER B 324 19.86 24.65 -1.99
CA SER B 324 19.92 25.53 -3.18
C SER B 324 18.56 26.22 -3.36
N TYR B 325 17.46 25.61 -2.91
CA TYR B 325 16.11 26.22 -2.99
C TYR B 325 15.87 27.13 -1.80
N THR B 326 16.34 26.76 -0.62
CA THR B 326 16.13 27.56 0.61
C THR B 326 17.24 27.29 1.61
N ASN B 327 17.82 28.34 2.18
CA ASN B 327 18.82 28.15 3.26
C ASN B 327 18.17 28.10 4.62
N ASP B 328 16.85 28.03 4.71
CA ASP B 328 16.18 28.02 6.03
C ASP B 328 16.48 26.69 6.73
N ILE B 329 17.09 26.76 7.89
CA ILE B 329 17.63 25.54 8.55
C ILE B 329 16.44 24.74 9.10
N ALA B 330 15.34 25.37 9.50
CA ALA B 330 14.19 24.62 10.03
C ALA B 330 13.58 23.85 8.86
N LEU B 331 13.48 24.43 7.69
CA LEU B 331 12.87 23.69 6.56
C LEU B 331 13.75 22.46 6.25
N ALA B 332 15.06 22.62 6.29
CA ALA B 332 16.02 21.50 6.04
C ALA B 332 15.85 20.42 7.13
N LYS B 333 15.68 20.80 8.38
CA LYS B 333 15.45 19.80 9.45
C LYS B 333 14.18 19.02 9.18
N ASN B 334 13.12 19.70 8.74
CA ASN B 334 11.82 19.03 8.54
C ASN B 334 11.96 18.01 7.40
N VAL B 335 12.58 18.40 6.31
CA VAL B 335 12.65 17.49 5.14
C VAL B 335 13.56 16.31 5.49
N ALA B 336 14.60 16.51 6.31
CA ALA B 336 15.51 15.41 6.70
C ALA B 336 14.74 14.45 7.62
N ALA B 337 13.94 14.97 8.56
CA ALA B 337 13.12 14.12 9.46
C ALA B 337 12.17 13.30 8.60
N PHE B 338 11.51 13.87 7.61
CA PHE B 338 10.57 13.12 6.76
C PHE B 338 11.28 11.92 6.10
N ILE B 339 12.45 12.19 5.55
CA ILE B 339 13.23 11.16 4.80
C ILE B 339 13.47 9.99 5.73
N ILE B 340 13.89 10.24 6.98
N ILE B 340 13.85 10.26 6.97
CA ILE B 340 14.21 9.16 7.96
CA ILE B 340 14.22 9.20 7.92
C ILE B 340 12.93 8.44 8.36
C ILE B 340 12.97 8.49 8.45
N LEU B 341 11.82 9.16 8.54
CA LEU B 341 10.65 8.54 9.21
C LEU B 341 9.60 8.02 8.24
N ASN B 342 9.75 8.22 6.94
CA ASN B 342 8.78 7.70 5.94
C ASN B 342 8.92 6.19 5.82
N ASP B 343 7.94 5.57 5.17
CA ASP B 343 8.09 4.15 4.74
C ASP B 343 9.37 4.00 3.94
N GLY B 344 10.00 2.84 4.06
CA GLY B 344 11.11 2.48 3.19
C GLY B 344 12.43 2.93 3.75
N ILE B 345 13.44 3.00 2.91
CA ILE B 345 14.83 3.14 3.36
C ILE B 345 15.21 4.61 3.23
N PRO B 346 15.59 5.29 4.32
CA PRO B 346 16.06 6.68 4.24
C PRO B 346 17.35 6.70 3.42
N ILE B 347 17.50 7.72 2.55
CA ILE B 347 18.75 7.95 1.79
C ILE B 347 19.11 9.44 1.87
N ILE B 348 20.20 9.74 2.55
CA ILE B 348 20.78 11.11 2.66
C ILE B 348 22.02 11.17 1.78
N TYR B 349 22.18 12.28 1.03
CA TYR B 349 23.30 12.47 0.09
C TYR B 349 24.38 13.30 0.79
N ALA B 350 25.58 12.73 0.87
CA ALA B 350 26.78 13.36 1.47
C ALA B 350 26.83 14.85 1.11
N GLY B 351 26.85 15.69 2.13
CA GLY B 351 26.81 17.14 2.03
C GLY B 351 25.48 17.68 2.52
N GLN B 352 24.40 16.89 2.45
CA GLN B 352 23.07 17.35 2.91
C GLN B 352 23.16 17.70 4.39
N GLU B 353 23.88 16.90 5.16
CA GLU B 353 24.05 17.05 6.63
C GLU B 353 24.93 18.25 6.95
N GLN B 354 25.66 18.79 5.99
CA GLN B 354 26.41 20.04 6.19
C GLN B 354 25.71 21.18 5.46
N HIS B 355 24.44 20.99 5.10
CA HIS B 355 23.60 22.07 4.53
C HIS B 355 24.20 22.60 3.23
N TYR B 356 24.81 21.73 2.44
CA TYR B 356 25.36 22.11 1.13
C TYR B 356 24.23 22.63 0.25
N ALA B 357 24.54 23.69 -0.52
CA ALA B 357 23.53 24.44 -1.29
C ALA B 357 23.81 24.44 -2.80
N GLY B 358 24.61 23.52 -3.33
CA GLY B 358 24.84 23.48 -4.77
C GLY B 358 23.61 23.21 -5.59
N GLY B 359 23.47 23.90 -6.72
CA GLY B 359 22.42 23.66 -7.71
C GLY B 359 22.67 22.49 -8.64
N ASN B 360 22.18 22.59 -9.87
CA ASN B 360 22.30 21.46 -10.80
C ASN B 360 23.78 21.16 -11.07
N ASP B 361 23.97 19.91 -11.42
CA ASP B 361 25.25 19.31 -11.87
C ASP B 361 25.99 20.33 -12.73
N PRO B 362 27.27 20.64 -12.46
CA PRO B 362 28.14 19.99 -11.47
C PRO B 362 28.12 20.53 -10.05
N ALA B 363 27.28 21.52 -9.77
CA ALA B 363 27.36 22.30 -8.53
C ALA B 363 27.02 21.43 -7.32
N ASN B 364 26.24 20.38 -7.56
CA ASN B 364 25.76 19.46 -6.49
C ASN B 364 26.73 18.29 -6.25
N ARG B 365 27.95 18.34 -6.76
CA ARG B 365 28.98 17.30 -6.55
C ARG B 365 30.10 17.85 -5.66
N GLU B 366 29.76 18.67 -4.69
CA GLU B 366 30.75 19.25 -3.77
C GLU B 366 31.46 18.16 -2.96
N ALA B 367 32.72 18.42 -2.66
CA ALA B 367 33.55 17.56 -1.81
C ALA B 367 33.06 17.69 -0.37
N THR B 368 32.74 16.56 0.24
CA THR B 368 32.36 16.51 1.65
C THR B 368 33.51 16.99 2.53
N TRP B 369 34.74 16.68 2.17
CA TRP B 369 35.87 16.99 3.07
C TRP B 369 36.03 18.49 3.29
N LEU B 370 35.59 19.33 2.37
CA LEU B 370 35.81 20.79 2.52
C LEU B 370 34.99 21.36 3.66
N SER B 371 34.03 20.59 4.18
CA SER B 371 33.18 21.02 5.33
C SER B 371 34.05 20.92 6.58
N GLY B 372 35.08 20.07 6.55
CA GLY B 372 35.82 19.67 7.76
C GLY B 372 35.15 18.56 8.54
N TYR B 373 34.08 17.95 8.02
CA TYR B 373 33.32 16.87 8.69
C TYR B 373 32.92 17.21 10.14
N PRO B 374 32.32 18.39 10.40
CA PRO B 374 31.91 18.76 11.76
C PRO B 374 30.74 17.86 12.19
N THR B 375 30.81 17.33 13.39
CA THR B 375 29.78 16.44 13.95
C THR B 375 28.82 17.26 14.80
N ASP B 376 29.01 18.57 14.85
CA ASP B 376 28.19 19.48 15.69
C ASP B 376 27.37 20.41 14.81
N SER B 377 27.30 20.16 13.51
CA SER B 377 26.44 21.00 12.64
C SER B 377 24.97 20.71 12.93
N GLU B 378 24.09 21.68 12.64
CA GLU B 378 22.64 21.54 12.96
C GLU B 378 22.04 20.31 12.29
N LEU B 379 22.36 20.03 11.04
CA LEU B 379 21.71 18.88 10.36
C LEU B 379 22.41 17.58 10.68
N TYR B 380 23.69 17.57 11.04
CA TYR B 380 24.36 16.34 11.52
C TYR B 380 23.61 15.90 12.78
N LYS B 381 23.34 16.84 13.67
CA LYS B 381 22.66 16.52 14.95
C LYS B 381 21.20 16.11 14.71
N LEU B 382 20.50 16.78 13.78
CA LEU B 382 19.08 16.50 13.52
C LEU B 382 19.02 15.06 12.97
N ILE B 383 19.83 14.78 11.98
CA ILE B 383 19.87 13.44 11.33
C ILE B 383 20.23 12.39 12.38
N ALA B 384 21.19 12.66 13.24
CA ALA B 384 21.58 11.73 14.31
C ALA B 384 20.38 11.48 15.22
N SER B 385 19.63 12.52 15.57
CA SER B 385 18.44 12.36 16.45
C SER B 385 17.35 11.52 15.78
N ALA B 386 17.12 11.77 14.49
CA ALA B 386 16.02 11.12 13.75
C ALA B 386 16.39 9.66 13.50
N ASN B 387 17.62 9.39 13.04
CA ASN B 387 18.10 8.00 12.92
C ASN B 387 18.08 7.33 14.30
N ALA B 388 18.45 8.04 15.37
CA ALA B 388 18.50 7.41 16.70
C ALA B 388 17.12 6.88 17.09
N ILE B 389 16.06 7.66 16.88
CA ILE B 389 14.71 7.18 17.30
C ILE B 389 14.22 6.11 16.33
N ARG B 390 14.50 6.25 15.04
CA ARG B 390 14.09 5.20 14.08
C ARG B 390 14.80 3.88 14.44
N ASN B 391 16.09 3.94 14.70
CA ASN B 391 16.91 2.73 15.01
C ASN B 391 16.37 2.14 16.32
N TYR B 392 16.07 2.98 17.30
CA TYR B 392 15.58 2.52 18.62
C TYR B 392 14.22 1.85 18.45
N ALA B 393 13.33 2.53 17.74
CA ALA B 393 11.94 2.07 17.55
C ALA B 393 11.97 0.70 16.84
N ILE B 394 12.79 0.57 15.81
CA ILE B 394 12.97 -0.72 15.09
C ILE B 394 13.46 -1.80 16.05
N SER B 395 14.40 -1.48 16.94
CA SER B 395 14.97 -2.45 17.91
C SER B 395 13.87 -2.98 18.84
N LYS B 396 12.81 -2.22 19.11
CA LYS B 396 11.73 -2.58 20.08
C LYS B 396 10.46 -3.06 19.38
N ASP B 397 10.32 -2.82 18.08
CA ASP B 397 9.08 -3.03 17.32
C ASP B 397 9.47 -3.70 16.00
N THR B 398 9.37 -5.03 15.93
CA THR B 398 9.70 -5.81 14.72
C THR B 398 8.72 -5.44 13.61
N GLY B 399 7.60 -4.78 13.95
CA GLY B 399 6.57 -4.43 12.97
C GLY B 399 6.83 -3.05 12.37
N PHE B 400 7.71 -2.24 12.90
CA PHE B 400 7.84 -0.82 12.46
C PHE B 400 8.02 -0.76 10.96
N VAL B 401 8.97 -1.55 10.44
CA VAL B 401 9.36 -1.39 9.02
C VAL B 401 8.24 -1.86 8.10
N THR B 402 7.31 -2.69 8.54
CA THR B 402 6.20 -3.14 7.65
C THR B 402 4.86 -2.50 8.02
N TYR B 403 4.85 -1.57 8.96
CA TYR B 403 3.64 -0.79 9.28
C TYR B 403 3.60 0.42 8.35
N LYS B 404 2.67 0.47 7.40
CA LYS B 404 2.73 1.48 6.33
C LYS B 404 2.36 2.84 6.94
N ASN B 405 3.25 3.81 6.71
CA ASN B 405 3.15 5.18 7.20
C ASN B 405 1.77 5.74 6.92
N TRP B 406 1.18 6.40 7.89
CA TRP B 406 -0.24 6.84 7.90
C TRP B 406 -0.30 8.34 8.12
N PRO B 407 -0.55 9.13 7.07
CA PRO B 407 -0.79 10.58 7.24
C PRO B 407 -2.11 10.75 8.02
N ILE B 408 -2.05 11.45 9.15
CA ILE B 408 -3.22 11.62 10.07
C ILE B 408 -3.73 13.07 10.12
N TYR B 409 -2.98 14.05 9.61
CA TYR B 409 -3.36 15.47 9.72
C TYR B 409 -2.64 16.28 8.68
N LYS B 410 -3.30 17.26 8.08
CA LYS B 410 -2.61 18.32 7.35
C LYS B 410 -3.37 19.64 7.50
N ASP B 411 -2.63 20.72 7.36
CA ASP B 411 -3.23 22.06 7.21
C ASP B 411 -2.32 22.81 6.24
N ASP B 412 -2.45 24.13 6.16
CA ASP B 412 -1.67 24.90 5.16
C ASP B 412 -0.16 24.76 5.40
N THR B 413 0.26 24.55 6.65
CA THR B 413 1.70 24.60 7.00
C THR B 413 2.20 23.34 7.70
N THR B 414 1.35 22.30 7.82
CA THR B 414 1.62 21.17 8.73
C THR B 414 1.22 19.84 8.08
N ILE B 415 2.05 18.82 8.25
CA ILE B 415 1.63 17.42 7.97
C ILE B 415 2.01 16.61 9.19
N ALA B 416 1.13 15.71 9.63
CA ALA B 416 1.49 14.75 10.69
C ALA B 416 1.23 13.33 10.20
N MET B 417 2.12 12.45 10.62
CA MET B 417 2.10 11.05 10.14
C MET B 417 2.46 10.14 11.29
N ARG B 418 2.02 8.91 11.15
CA ARG B 418 2.02 7.91 12.21
C ARG B 418 2.57 6.58 11.64
N LYS B 419 3.52 6.00 12.34
CA LYS B 419 4.18 4.74 11.87
C LYS B 419 4.68 3.92 13.04
N GLY B 420 4.29 2.66 13.07
CA GLY B 420 4.69 1.70 14.10
C GLY B 420 3.50 1.02 14.70
N THR B 421 3.78 -0.12 15.25
CA THR B 421 2.73 -0.94 15.88
C THR B 421 2.01 -0.05 16.89
N ASP B 422 0.68 -0.05 16.82
CA ASP B 422 -0.17 0.85 17.62
C ASP B 422 0.17 0.58 19.09
N GLY B 423 0.47 1.61 19.88
CA GLY B 423 1.05 1.44 21.23
C GLY B 423 2.52 1.80 21.29
N SER B 424 3.23 1.73 20.16
CA SER B 424 4.71 1.90 20.09
C SER B 424 5.04 2.88 18.95
N GLN B 425 4.04 3.60 18.48
CA GLN B 425 4.12 4.34 17.21
C GLN B 425 4.96 5.61 17.41
N ILE B 426 5.69 5.97 16.36
CA ILE B 426 6.29 7.32 16.19
C ILE B 426 5.22 8.16 15.51
N VAL B 427 4.90 9.34 16.08
CA VAL B 427 4.01 10.30 15.43
C VAL B 427 4.81 11.58 15.19
N THR B 428 4.91 11.92 13.92
CA THR B 428 5.81 12.98 13.44
C THR B 428 4.95 14.13 12.96
N ILE B 429 5.28 15.34 13.40
CA ILE B 429 4.53 16.57 12.99
C ILE B 429 5.56 17.49 12.35
N LEU B 430 5.37 17.76 11.09
CA LEU B 430 6.31 18.53 10.27
C LEU B 430 5.65 19.82 9.86
N SER B 431 6.49 20.84 9.70
CA SER B 431 5.99 22.21 9.43
C SER B 431 6.80 22.83 8.31
N ASN B 432 6.17 23.65 7.47
CA ASN B 432 6.91 24.50 6.52
C ASN B 432 6.83 26.00 6.92
N LYS B 433 6.58 26.29 8.20
CA LYS B 433 6.57 27.72 8.66
C LYS B 433 7.98 28.30 8.60
N GLY B 434 9.03 27.48 8.67
CA GLY B 434 10.40 27.99 8.65
C GLY B 434 10.84 28.56 9.97
N ALA B 435 12.08 29.09 10.01
CA ALA B 435 12.76 29.41 11.27
C ALA B 435 12.05 30.60 11.97
N SER B 436 11.26 31.39 11.27
CA SER B 436 10.57 32.53 11.92
C SER B 436 9.11 32.16 12.24
N GLY B 437 8.80 30.86 12.24
CA GLY B 437 7.48 30.35 12.66
C GLY B 437 7.13 30.81 14.06
N ASP B 438 5.85 31.10 14.25
CA ASP B 438 5.27 31.47 15.57
C ASP B 438 5.17 30.24 16.51
N SER B 439 5.12 30.50 17.82
CA SER B 439 4.88 29.53 18.91
C SER B 439 3.37 29.38 19.14
N TYR B 440 2.87 28.14 19.08
CA TYR B 440 1.44 27.81 19.33
C TYR B 440 1.36 26.34 19.73
N THR B 441 0.16 25.91 20.16
CA THR B 441 -0.17 24.49 20.45
C THR B 441 -1.04 23.96 19.31
N LEU B 442 -0.60 22.86 18.69
CA LEU B 442 -1.46 22.15 17.70
C LEU B 442 -2.14 21.02 18.46
N SER B 443 -3.47 21.05 18.53
CA SER B 443 -4.24 19.96 19.21
C SER B 443 -4.43 18.84 18.20
N LEU B 444 -3.60 17.81 18.28
CA LEU B 444 -3.49 16.80 17.20
C LEU B 444 -4.39 15.61 17.54
N SER B 445 -5.37 15.33 16.71
CA SER B 445 -6.24 14.13 16.84
C SER B 445 -5.67 13.01 15.97
N GLY B 446 -5.98 11.77 16.35
CA GLY B 446 -5.74 10.60 15.49
C GLY B 446 -4.34 10.05 15.67
N ALA B 447 -3.60 10.47 16.71
CA ALA B 447 -2.25 9.95 16.99
C ALA B 447 -2.32 8.51 17.56
N GLY B 448 -3.41 8.13 18.24
CA GLY B 448 -3.68 6.77 18.68
C GLY B 448 -2.98 6.39 19.97
N TYR B 449 -2.52 7.36 20.75
CA TYR B 449 -1.96 7.05 22.07
C TYR B 449 -3.07 7.14 23.13
N THR B 450 -2.83 6.42 24.22
CA THR B 450 -3.72 6.28 25.41
C THR B 450 -3.81 7.63 26.14
N ALA B 451 -5.02 8.07 26.45
CA ALA B 451 -5.29 9.29 27.27
C ALA B 451 -4.39 9.27 28.51
N GLY B 452 -3.70 10.38 28.79
CA GLY B 452 -2.83 10.52 29.97
C GLY B 452 -1.41 10.03 29.76
N GLN B 453 -1.13 9.33 28.66
CA GLN B 453 0.22 8.78 28.36
C GLN B 453 1.20 9.94 28.16
N GLN B 454 2.42 9.80 28.66
CA GLN B 454 3.49 10.76 28.45
C GLN B 454 4.21 10.39 27.14
N LEU B 455 4.41 11.39 26.28
CA LEU B 455 5.17 11.26 25.02
C LEU B 455 6.42 12.14 25.14
N THR B 456 7.53 11.62 24.62
CA THR B 456 8.77 12.41 24.47
C THR B 456 8.77 12.95 23.05
N GLU B 457 9.04 14.24 22.90
CA GLU B 457 9.27 14.88 21.59
C GLU B 457 10.79 14.84 21.42
N VAL B 458 11.30 13.93 20.60
CA VAL B 458 12.73 13.51 20.70
C VAL B 458 13.63 14.48 19.93
N ILE B 459 13.10 15.48 19.20
CA ILE B 459 13.94 16.52 18.53
C ILE B 459 14.35 17.56 19.59
N GLY B 460 13.39 18.14 20.31
CA GLY B 460 13.57 19.20 21.33
C GLY B 460 13.71 18.63 22.71
N CYS B 461 13.38 17.34 22.90
CA CYS B 461 13.41 16.62 24.20
C CYS B 461 12.42 17.19 25.21
N THR B 462 11.24 17.66 24.80
CA THR B 462 10.17 17.97 25.77
C THR B 462 9.27 16.75 25.94
N THR B 463 8.49 16.74 27.01
CA THR B 463 7.44 15.72 27.27
C THR B 463 6.08 16.40 27.10
N VAL B 464 5.10 15.69 26.55
CA VAL B 464 3.68 16.12 26.60
C VAL B 464 2.84 14.93 27.09
N THR B 465 1.67 15.23 27.64
CA THR B 465 0.67 14.26 28.11
C THR B 465 -0.45 14.27 27.08
N VAL B 466 -0.87 13.08 26.66
CA VAL B 466 -2.09 12.92 25.82
C VAL B 466 -3.30 13.38 26.65
N GLY B 467 -4.16 14.25 26.12
CA GLY B 467 -5.38 14.70 26.81
C GLY B 467 -6.43 13.60 26.92
N SER B 468 -7.41 13.76 27.81
CA SER B 468 -8.46 12.74 28.09
C SER B 468 -9.26 12.41 26.82
N ASP B 469 -9.40 13.36 25.87
CA ASP B 469 -10.10 13.16 24.57
C ASP B 469 -9.18 12.44 23.56
N GLY B 470 -7.98 12.06 23.99
CA GLY B 470 -6.99 11.41 23.12
C GLY B 470 -6.23 12.41 22.27
N ASN B 471 -6.48 13.72 22.41
CA ASN B 471 -5.75 14.76 21.61
C ASN B 471 -4.37 15.00 22.22
N VAL B 472 -3.38 15.20 21.36
CA VAL B 472 -2.00 15.51 21.81
C VAL B 472 -1.79 17.01 21.62
N PRO B 473 -1.45 17.75 22.71
CA PRO B 473 -1.18 19.18 22.60
C PRO B 473 0.29 19.31 22.16
N VAL B 474 0.50 19.38 20.85
CA VAL B 474 1.87 19.42 20.25
C VAL B 474 2.38 20.87 20.30
N PRO B 475 3.49 21.10 21.01
CA PRO B 475 4.13 22.41 21.07
C PRO B 475 4.82 22.66 19.72
N MET B 476 4.41 23.74 19.07
CA MET B 476 4.92 24.16 17.74
C MET B 476 5.67 25.48 17.94
N ALA B 477 6.92 25.52 17.48
CA ALA B 477 7.79 26.71 17.65
C ALA B 477 9.01 26.61 16.72
N GLY B 478 9.53 27.77 16.30
CA GLY B 478 10.67 27.94 15.39
C GLY B 478 10.58 27.08 14.14
N GLY B 479 9.37 26.73 13.69
CA GLY B 479 9.17 25.88 12.51
C GLY B 479 9.81 24.49 12.66
N LEU B 480 10.07 24.02 13.89
CA LEU B 480 10.89 22.78 14.07
C LEU B 480 10.00 21.55 13.83
N PRO B 481 10.61 20.44 13.32
CA PRO B 481 9.89 19.17 13.27
C PRO B 481 9.71 18.68 14.69
N ARG B 482 8.67 17.86 14.90
CA ARG B 482 8.36 17.28 16.21
C ARG B 482 8.15 15.78 16.02
N VAL B 483 8.83 14.99 16.81
CA VAL B 483 8.82 13.50 16.64
C VAL B 483 8.45 12.89 17.98
N LEU B 484 7.24 12.36 18.11
CA LEU B 484 6.66 11.86 19.40
C LEU B 484 6.86 10.36 19.50
N TYR B 485 7.20 9.90 20.69
CA TYR B 485 7.30 8.47 21.02
C TYR B 485 6.99 8.28 22.48
N PRO B 486 6.28 7.20 22.88
CA PRO B 486 5.93 7.04 24.29
C PRO B 486 7.15 7.06 25.21
N THR B 487 7.11 7.89 26.25
CA THR B 487 8.22 8.05 27.20
C THR B 487 8.51 6.71 27.88
N GLU B 488 7.48 5.93 28.26
CA GLU B 488 7.74 4.66 28.98
C GLU B 488 8.60 3.75 28.10
N LYS B 489 8.48 3.81 26.78
CA LYS B 489 9.26 2.92 25.87
C LYS B 489 10.72 3.37 25.74
N LEU B 490 11.09 4.59 26.16
CA LEU B 490 12.47 5.13 26.10
C LEU B 490 13.22 4.86 27.39
N ALA B 491 12.59 4.21 28.37
CA ALA B 491 13.26 3.86 29.64
C ALA B 491 14.66 3.29 29.30
N GLY B 492 15.70 3.88 29.85
CA GLY B 492 17.09 3.37 29.72
C GLY B 492 17.74 3.72 28.40
N SER B 493 17.02 4.38 27.48
CA SER B 493 17.60 4.91 26.22
C SER B 493 18.58 6.04 26.52
N LYS B 494 19.52 6.24 25.62
CA LYS B 494 20.39 7.44 25.56
C LYS B 494 19.55 8.63 25.09
N ILE B 495 18.37 8.42 24.49
CA ILE B 495 17.63 9.49 23.76
C ILE B 495 17.06 10.50 24.76
N CYS B 496 17.43 11.77 24.66
CA CYS B 496 16.92 12.88 25.51
C CYS B 496 17.29 12.63 26.99
N SER B 497 18.53 12.23 27.24
CA SER B 497 19.17 12.18 28.59
C SER B 497 19.01 13.51 29.32
#